data_1M9O
#
_entry.id   1M9O
#
loop_
_entity.id
_entity.type
_entity.pdbx_description
1 polymer Tristetraproline
2 non-polymer 'ZINC ION'
#
_entity_poly.entity_id   1
_entity_poly.type   'polypeptide(L)'
_entity_poly.pdbx_seq_one_letter_code
;GSHMTTSSRYKTELCRTYSESGRCRYGAKCQFAHGLGELRQANRHPKYKTELCHKFKLQGRCPYGSRCHFIHNPTED
;
_entity_poly.pdbx_strand_id   A
#
# COMPACT_ATOMS: atom_id res chain seq x y z
N MET A 4 21.49 -0.18 -7.09
CA MET A 4 20.62 -1.02 -7.95
C MET A 4 19.38 -1.50 -7.20
N THR A 5 19.58 -2.22 -6.11
CA THR A 5 18.48 -2.73 -5.30
C THR A 5 17.55 -3.59 -6.15
N THR A 6 16.38 -3.92 -5.61
CA THR A 6 15.41 -4.74 -6.32
C THR A 6 15.03 -4.10 -7.65
N SER A 7 14.80 -4.94 -8.66
CA SER A 7 14.44 -4.46 -9.98
C SER A 7 12.94 -4.67 -10.25
N SER A 8 12.12 -4.30 -9.27
CA SER A 8 10.68 -4.44 -9.39
C SER A 8 9.99 -3.87 -8.15
N ARG A 9 10.12 -4.57 -7.03
CA ARG A 9 9.51 -4.14 -5.78
C ARG A 9 8.00 -4.07 -5.90
N TYR A 10 7.33 -4.27 -4.77
CA TYR A 10 5.89 -4.24 -4.71
C TYR A 10 5.35 -2.87 -5.07
N LYS A 11 4.10 -2.63 -4.72
CA LYS A 11 3.45 -1.37 -5.02
C LYS A 11 4.06 -0.22 -4.23
N THR A 12 3.36 0.90 -4.21
CA THR A 12 3.83 2.08 -3.51
C THR A 12 2.85 2.53 -2.41
N GLU A 13 1.76 1.79 -2.25
CA GLU A 13 0.76 2.13 -1.28
C GLU A 13 1.13 1.67 0.14
N LEU A 14 0.21 1.83 1.09
CA LEU A 14 0.46 1.44 2.49
C LEU A 14 -0.84 1.28 3.27
N CYS A 15 -0.84 0.35 4.24
CA CYS A 15 -2.00 0.11 5.07
C CYS A 15 -2.19 1.28 6.03
N ARG A 16 -2.88 2.33 5.59
CA ARG A 16 -3.10 3.52 6.40
C ARG A 16 -4.20 3.31 7.43
N THR A 17 -5.39 3.83 7.15
CA THR A 17 -6.52 3.70 8.05
C THR A 17 -7.04 2.27 8.05
N TYR A 18 -6.70 1.57 6.97
CA TYR A 18 -7.07 0.20 6.76
C TYR A 18 -6.69 -0.70 7.93
N SER A 19 -5.44 -0.56 8.38
CA SER A 19 -4.90 -1.35 9.49
C SER A 19 -5.81 -1.34 10.72
N GLU A 20 -6.80 -0.45 10.73
CA GLU A 20 -7.73 -0.35 11.84
C GLU A 20 -9.01 -1.10 11.54
N SER A 21 -8.85 -2.18 10.78
CA SER A 21 -9.97 -3.03 10.38
C SER A 21 -10.89 -2.33 9.38
N GLY A 22 -10.40 -1.25 8.78
CA GLY A 22 -11.19 -0.52 7.83
C GLY A 22 -11.57 -1.35 6.62
N ARG A 23 -10.70 -1.32 5.62
CA ARG A 23 -10.92 -2.06 4.38
C ARG A 23 -9.92 -3.17 4.17
N CYS A 24 -8.68 -2.75 4.02
CA CYS A 24 -7.57 -3.66 3.77
C CYS A 24 -7.77 -4.31 2.41
N ARG A 25 -7.34 -3.59 1.36
CA ARG A 25 -7.48 -4.06 -0.02
C ARG A 25 -6.86 -5.44 -0.24
N TYR A 26 -6.04 -5.88 0.70
CA TYR A 26 -5.40 -7.19 0.66
C TYR A 26 -5.44 -7.79 2.07
N GLY A 27 -6.63 -7.83 2.65
CA GLY A 27 -6.80 -8.36 4.00
C GLY A 27 -5.93 -9.59 4.28
N ALA A 28 -5.05 -9.45 5.27
CA ALA A 28 -4.14 -10.53 5.66
C ALA A 28 -2.99 -10.70 4.67
N LYS A 29 -3.14 -10.11 3.50
CA LYS A 29 -2.15 -10.19 2.47
C LYS A 29 -1.72 -8.80 2.01
N CYS A 30 -2.01 -7.77 2.81
CA CYS A 30 -1.70 -6.41 2.41
C CYS A 30 -0.28 -5.99 2.72
N GLN A 31 0.33 -5.40 1.70
CA GLN A 31 1.68 -4.90 1.79
C GLN A 31 1.75 -3.47 1.26
N PHE A 32 0.72 -3.08 0.51
CA PHE A 32 0.69 -1.74 -0.07
C PHE A 32 -0.74 -1.28 -0.42
N ALA A 33 -1.20 -1.65 -1.62
CA ALA A 33 -2.51 -1.26 -2.12
C ALA A 33 -3.53 -1.15 -0.99
N HIS A 34 -3.87 0.09 -0.64
CA HIS A 34 -4.82 0.37 0.43
C HIS A 34 -5.35 1.82 0.32
N GLY A 35 -5.51 2.53 1.47
CA GLY A 35 -5.99 3.89 1.47
C GLY A 35 -5.26 4.81 0.52
N LEU A 36 -4.55 5.77 1.09
CA LEU A 36 -3.79 6.75 0.31
C LEU A 36 -2.69 6.09 -0.50
N GLY A 37 -1.62 5.70 0.18
CA GLY A 37 -0.50 5.05 -0.47
C GLY A 37 0.00 5.79 -1.70
N GLU A 38 0.79 6.82 -1.45
CA GLU A 38 1.37 7.62 -2.52
C GLU A 38 2.84 7.87 -2.22
N LEU A 39 3.51 6.84 -1.71
CA LEU A 39 4.92 6.94 -1.36
C LEU A 39 5.76 7.42 -2.54
N ARG A 40 5.51 6.80 -3.68
CA ARG A 40 6.21 7.14 -4.91
C ARG A 40 5.35 8.05 -5.80
N GLN A 41 4.62 8.95 -5.16
CA GLN A 41 3.77 9.89 -5.86
C GLN A 41 3.61 11.18 -5.06
N ALA A 42 4.45 11.34 -4.04
CA ALA A 42 4.40 12.53 -3.20
C ALA A 42 5.44 12.48 -2.08
N ASN A 43 5.89 11.28 -1.73
CA ASN A 43 6.89 11.12 -0.67
C ASN A 43 8.31 11.25 -1.23
N MET A 4 8.41 6.68 -10.85
CA MET A 4 9.52 7.67 -10.64
C MET A 4 10.86 7.09 -11.07
N THR A 5 11.28 6.03 -10.41
CA THR A 5 12.55 5.38 -10.72
C THR A 5 12.38 3.87 -10.76
N THR A 6 11.81 3.31 -9.70
CA THR A 6 11.59 1.88 -9.61
C THR A 6 10.57 1.40 -10.64
N SER A 7 10.49 0.09 -10.81
CA SER A 7 9.55 -0.50 -11.77
C SER A 7 9.35 -1.99 -11.50
N SER A 8 10.44 -2.68 -11.18
CA SER A 8 10.37 -4.11 -10.90
C SER A 8 10.03 -4.38 -9.43
N ARG A 9 10.18 -3.35 -8.58
CA ARG A 9 9.88 -3.49 -7.16
C ARG A 9 8.38 -3.67 -6.96
N TYR A 10 7.96 -3.70 -5.69
CA TYR A 10 6.56 -3.87 -5.36
C TYR A 10 5.79 -2.57 -5.56
N LYS A 11 4.59 -2.51 -5.01
CA LYS A 11 3.74 -1.34 -5.15
C LYS A 11 4.28 -0.18 -4.34
N THR A 12 3.47 0.85 -4.19
CA THR A 12 3.86 2.04 -3.43
C THR A 12 2.84 2.41 -2.36
N GLU A 13 1.80 1.60 -2.22
CA GLU A 13 0.75 1.88 -1.24
C GLU A 13 1.08 1.31 0.14
N LEU A 14 0.12 1.41 1.06
CA LEU A 14 0.28 0.93 2.43
C LEU A 14 -1.02 0.91 3.21
N CYS A 15 -1.05 0.08 4.24
CA CYS A 15 -2.20 -0.07 5.10
C CYS A 15 -2.34 1.19 5.97
N ARG A 16 -2.98 2.23 5.44
CA ARG A 16 -3.15 3.48 6.17
C ARG A 16 -4.15 3.31 7.32
N THR A 17 -5.40 3.71 7.09
CA THR A 17 -6.45 3.61 8.10
C THR A 17 -7.02 2.19 8.12
N TYR A 18 -6.77 1.48 7.05
CA TYR A 18 -7.22 0.12 6.84
C TYR A 18 -6.86 -0.79 8.01
N SER A 19 -5.59 -0.77 8.41
CA SER A 19 -5.09 -1.61 9.49
C SER A 19 -5.91 -1.53 10.75
N GLU A 20 -6.48 -0.36 10.99
CA GLU A 20 -7.30 -0.15 12.17
C GLU A 20 -8.60 -0.95 12.09
N SER A 21 -9.20 -0.97 10.90
CA SER A 21 -10.45 -1.70 10.66
C SER A 21 -11.17 -1.15 9.42
N GLY A 22 -10.43 -0.44 8.58
CA GLY A 22 -11.00 0.14 7.38
C GLY A 22 -11.51 -0.89 6.39
N ARG A 23 -10.64 -1.30 5.48
CA ARG A 23 -11.00 -2.24 4.44
C ARG A 23 -9.97 -3.35 4.28
N CYS A 24 -8.76 -2.89 4.03
CA CYS A 24 -7.63 -3.77 3.79
C CYS A 24 -7.79 -4.40 2.41
N ARG A 25 -7.44 -3.64 1.38
CA ARG A 25 -7.57 -4.07 -0.01
C ARG A 25 -6.94 -5.44 -0.26
N TYR A 26 -6.08 -5.87 0.67
CA TYR A 26 -5.42 -7.17 0.59
C TYR A 26 -5.36 -7.77 1.99
N GLY A 27 -6.51 -7.80 2.68
CA GLY A 27 -6.57 -8.33 4.04
C GLY A 27 -5.72 -9.57 4.26
N ALA A 28 -4.86 -9.49 5.28
CA ALA A 28 -3.95 -10.57 5.64
C ALA A 28 -2.83 -10.74 4.62
N LYS A 29 -2.99 -10.13 3.46
CA LYS A 29 -2.01 -10.21 2.40
C LYS A 29 -1.63 -8.82 1.91
N CYS A 30 -1.92 -7.80 2.70
CA CYS A 30 -1.64 -6.43 2.30
C CYS A 30 -0.24 -5.94 2.64
N GLN A 31 0.57 -5.83 1.59
CA GLN A 31 1.91 -5.31 1.70
C GLN A 31 1.91 -3.89 1.17
N PHE A 32 0.85 -3.56 0.42
CA PHE A 32 0.68 -2.24 -0.16
C PHE A 32 -0.81 -1.96 -0.37
N ALA A 33 -1.18 -1.35 -1.50
CA ALA A 33 -2.56 -1.05 -1.78
C ALA A 33 -3.21 -0.30 -0.63
N HIS A 34 -4.53 -0.35 -0.58
CA HIS A 34 -5.32 0.30 0.49
C HIS A 34 -5.58 1.80 0.23
N GLY A 35 -5.64 2.63 1.30
CA GLY A 35 -5.92 4.05 1.18
C GLY A 35 -4.90 4.81 0.37
N LEU A 36 -4.47 5.93 0.94
CA LEU A 36 -3.49 6.82 0.32
C LEU A 36 -2.41 6.03 -0.42
N GLY A 37 -1.48 5.46 0.33
CA GLY A 37 -0.41 4.68 -0.27
C GLY A 37 0.33 5.40 -1.37
N GLU A 38 0.24 6.70 -1.39
CA GLU A 38 0.93 7.50 -2.39
C GLU A 38 2.37 7.79 -2.00
N LEU A 39 3.09 6.77 -1.53
CA LEU A 39 4.49 6.95 -1.12
C LEU A 39 5.30 7.57 -2.25
N ARG A 40 5.26 6.90 -3.38
CA ARG A 40 5.98 7.33 -4.57
C ARG A 40 5.09 8.20 -5.48
N GLN A 41 4.30 9.07 -4.85
CA GLN A 41 3.40 9.96 -5.57
C GLN A 41 3.13 11.21 -4.74
N ALA A 42 2.60 11.01 -3.54
CA ALA A 42 2.28 12.12 -2.65
C ALA A 42 1.32 13.10 -3.31
N ASN A 43 1.00 14.17 -2.59
CA ASN A 43 0.09 15.19 -3.11
C ASN A 43 0.65 16.59 -2.84
N MET A 4 19.04 2.93 -11.26
CA MET A 4 18.14 2.69 -12.42
C MET A 4 17.43 1.34 -12.30
N THR A 5 18.03 0.44 -11.53
CA THR A 5 17.46 -0.89 -11.33
C THR A 5 16.41 -0.88 -10.23
N THR A 6 15.31 -1.58 -10.46
CA THR A 6 14.22 -1.65 -9.48
C THR A 6 14.14 -3.03 -8.84
N SER A 7 14.52 -4.06 -9.61
CA SER A 7 14.49 -5.43 -9.11
C SER A 7 13.07 -5.89 -8.83
N SER A 8 12.13 -5.43 -9.65
CA SER A 8 10.72 -5.79 -9.49
C SER A 8 10.21 -5.35 -8.13
N ARG A 9 10.04 -4.05 -7.95
CA ARG A 9 9.55 -3.49 -6.69
C ARG A 9 8.04 -3.63 -6.58
N TYR A 10 7.56 -3.69 -5.34
CA TYR A 10 6.13 -3.83 -5.09
C TYR A 10 5.41 -2.52 -5.38
N LYS A 11 4.20 -2.41 -4.88
CA LYS A 11 3.41 -1.21 -5.10
C LYS A 11 3.99 -0.03 -4.34
N THR A 12 3.21 1.03 -4.25
CA THR A 12 3.64 2.24 -3.56
C THR A 12 2.70 2.62 -2.42
N GLU A 13 1.62 1.88 -2.25
CA GLU A 13 0.65 2.18 -1.22
C GLU A 13 1.06 1.69 0.17
N LEU A 14 0.13 1.76 1.12
CA LEU A 14 0.39 1.35 2.50
C LEU A 14 -0.91 1.20 3.31
N CYS A 15 -0.92 0.22 4.20
CA CYS A 15 -2.06 -0.06 5.06
C CYS A 15 -2.20 1.06 6.10
N ARG A 16 -2.87 2.16 5.73
CA ARG A 16 -3.03 3.29 6.62
C ARG A 16 -4.15 3.06 7.64
N THR A 17 -5.33 3.63 7.40
CA THR A 17 -6.46 3.48 8.29
C THR A 17 -7.01 2.05 8.24
N TYR A 18 -6.67 1.37 7.15
CA TYR A 18 -7.08 0.02 6.88
C TYR A 18 -6.75 -0.92 8.05
N SER A 19 -5.52 -0.84 8.54
CA SER A 19 -5.05 -1.68 9.63
C SER A 19 -6.06 -1.73 10.78
N GLU A 20 -6.69 -0.60 11.01
CA GLU A 20 -7.68 -0.49 12.07
C GLU A 20 -8.93 -1.32 11.74
N SER A 21 -9.30 -1.32 10.46
CA SER A 21 -10.47 -2.08 9.96
C SER A 21 -11.10 -1.40 8.75
N GLY A 22 -10.55 -0.27 8.32
CA GLY A 22 -11.09 0.47 7.18
C GLY A 22 -11.47 -0.39 6.01
N ARG A 23 -10.65 -1.38 5.70
CA ARG A 23 -10.92 -2.25 4.55
C ARG A 23 -9.89 -3.35 4.37
N CYS A 24 -8.67 -2.93 4.18
CA CYS A 24 -7.55 -3.83 3.92
C CYS A 24 -7.76 -4.48 2.56
N ARG A 25 -7.41 -3.74 1.50
CA ARG A 25 -7.57 -4.20 0.12
C ARG A 25 -6.95 -5.58 -0.13
N TYR A 26 -6.05 -5.99 0.75
CA TYR A 26 -5.39 -7.29 0.67
C TYR A 26 -5.34 -7.91 2.06
N GLY A 27 -6.49 -7.92 2.74
CA GLY A 27 -6.55 -8.45 4.09
C GLY A 27 -5.67 -9.67 4.33
N ALA A 28 -4.77 -9.53 5.31
CA ALA A 28 -3.82 -10.58 5.69
C ALA A 28 -2.65 -10.67 4.73
N LYS A 29 -2.86 -10.24 3.50
CA LYS A 29 -1.84 -10.28 2.49
C LYS A 29 -1.46 -8.88 2.04
N CYS A 30 -1.95 -7.86 2.73
CA CYS A 30 -1.68 -6.49 2.35
C CYS A 30 -0.27 -6.05 2.61
N GLN A 31 0.31 -5.45 1.58
CA GLN A 31 1.66 -4.94 1.63
C GLN A 31 1.70 -3.49 1.19
N PHE A 32 0.63 -3.05 0.51
CA PHE A 32 0.56 -1.69 0.01
C PHE A 32 -0.88 -1.24 -0.27
N ALA A 33 -1.38 -1.58 -1.46
CA ALA A 33 -2.71 -1.20 -1.92
C ALA A 33 -3.74 -1.12 -0.79
N HIS A 34 -4.12 0.09 -0.42
CA HIS A 34 -5.12 0.33 0.62
C HIS A 34 -5.67 1.77 0.55
N GLY A 35 -5.43 2.58 1.61
CA GLY A 35 -5.91 3.95 1.67
C GLY A 35 -5.49 4.79 0.48
N LEU A 36 -4.49 5.65 0.69
CA LEU A 36 -3.97 6.51 -0.37
C LEU A 36 -2.69 5.91 -0.93
N GLY A 37 -1.72 5.72 -0.04
CA GLY A 37 -0.45 5.14 -0.43
C GLY A 37 0.17 5.79 -1.63
N GLU A 38 0.90 6.86 -1.37
CA GLU A 38 1.59 7.58 -2.43
C GLU A 38 3.06 7.76 -2.09
N LEU A 39 3.69 6.67 -1.66
CA LEU A 39 5.11 6.69 -1.28
C LEU A 39 5.99 7.11 -2.45
N ARG A 40 5.54 6.79 -3.64
CA ARG A 40 6.28 7.11 -4.86
C ARG A 40 5.40 7.86 -5.87
N GLN A 41 4.51 8.70 -5.35
CA GLN A 41 3.62 9.49 -6.18
C GLN A 41 3.25 10.79 -5.48
N ALA A 42 4.22 11.71 -5.42
CA ALA A 42 4.00 13.00 -4.79
C ALA A 42 2.75 13.68 -5.33
N ASN A 43 2.45 14.86 -4.80
CA ASN A 43 1.27 15.62 -5.23
C ASN A 43 1.38 15.98 -6.70
N MET A 4 21.44 2.14 -8.15
CA MET A 4 21.24 0.75 -8.62
C MET A 4 21.12 -0.22 -7.46
N THR A 5 19.89 -0.61 -7.14
CA THR A 5 19.63 -1.53 -6.03
C THR A 5 18.44 -2.42 -6.32
N THR A 6 17.24 -1.88 -6.14
CA THR A 6 16.01 -2.63 -6.40
C THR A 6 15.73 -2.72 -7.89
N SER A 7 15.10 -3.82 -8.30
CA SER A 7 14.78 -4.04 -9.71
C SER A 7 13.27 -3.97 -9.94
N SER A 8 12.51 -4.48 -8.99
CA SER A 8 11.05 -4.47 -9.09
C SER A 8 10.40 -4.69 -7.73
N ARG A 9 10.09 -3.60 -7.04
CA ARG A 9 9.46 -3.67 -5.72
C ARG A 9 7.97 -3.86 -5.85
N TYR A 10 7.28 -3.80 -4.71
CA TYR A 10 5.85 -3.96 -4.65
C TYR A 10 5.13 -2.70 -5.09
N LYS A 11 3.86 -2.59 -4.74
CA LYS A 11 3.05 -1.45 -5.12
C LYS A 11 3.58 -0.15 -4.52
N THR A 12 2.73 0.86 -4.49
CA THR A 12 3.11 2.17 -3.98
C THR A 12 2.12 2.70 -2.95
N GLU A 13 1.66 1.82 -2.07
CA GLU A 13 0.72 2.23 -1.04
C GLU A 13 1.13 1.73 0.34
N LEU A 14 0.21 1.84 1.30
CA LEU A 14 0.47 1.43 2.67
C LEU A 14 -0.82 1.28 3.48
N CYS A 15 -0.86 0.28 4.33
CA CYS A 15 -2.02 0.01 5.17
C CYS A 15 -2.21 1.14 6.18
N ARG A 16 -2.78 2.27 5.72
CA ARG A 16 -3.00 3.43 6.57
C ARG A 16 -4.13 3.19 7.58
N THR A 17 -5.32 3.68 7.25
CA THR A 17 -6.49 3.51 8.11
C THR A 17 -6.99 2.07 8.04
N TYR A 18 -6.65 1.44 6.94
CA TYR A 18 -7.02 0.08 6.65
C TYR A 18 -6.70 -0.88 7.81
N SER A 19 -5.48 -0.79 8.33
CA SER A 19 -5.03 -1.65 9.42
C SER A 19 -5.96 -1.63 10.61
N GLU A 20 -6.50 -0.47 10.90
CA GLU A 20 -7.43 -0.31 12.03
C GLU A 20 -8.62 -1.23 11.88
N SER A 21 -9.18 -1.27 10.66
CA SER A 21 -10.33 -2.10 10.33
C SER A 21 -11.11 -1.52 9.16
N GLY A 22 -10.42 -0.80 8.28
CA GLY A 22 -11.05 -0.19 7.14
C GLY A 22 -11.47 -1.18 6.08
N ARG A 23 -10.61 -1.37 5.10
CA ARG A 23 -10.88 -2.27 3.99
C ARG A 23 -9.83 -3.35 3.87
N CYS A 24 -8.61 -2.90 3.81
CA CYS A 24 -7.47 -3.78 3.63
C CYS A 24 -7.58 -4.45 2.26
N ARG A 25 -7.23 -3.72 1.22
CA ARG A 25 -7.32 -4.20 -0.16
C ARG A 25 -6.73 -5.60 -0.33
N TYR A 26 -5.86 -6.00 0.60
CA TYR A 26 -5.25 -7.33 0.60
C TYR A 26 -5.32 -7.90 2.01
N GLY A 27 -6.50 -7.82 2.62
CA GLY A 27 -6.71 -8.32 3.97
C GLY A 27 -5.96 -9.60 4.27
N ALA A 28 -5.10 -9.54 5.29
CA ALA A 28 -4.30 -10.67 5.74
C ALA A 28 -3.05 -10.87 4.88
N LYS A 29 -3.11 -10.37 3.66
CA LYS A 29 -2.02 -10.49 2.72
C LYS A 29 -1.59 -9.12 2.23
N CYS A 30 -1.93 -8.08 2.98
CA CYS A 30 -1.61 -6.72 2.54
C CYS A 30 -0.21 -6.26 2.91
N GLN A 31 0.48 -5.78 1.88
CA GLN A 31 1.80 -5.22 2.00
C GLN A 31 1.80 -3.80 1.44
N PHE A 32 0.82 -3.54 0.58
CA PHE A 32 0.63 -2.25 -0.05
C PHE A 32 -0.80 -2.14 -0.55
N ALA A 33 -1.05 -1.16 -1.41
CA ALA A 33 -2.38 -0.97 -1.99
C ALA A 33 -3.46 -0.98 -0.91
N HIS A 34 -3.91 0.20 -0.53
CA HIS A 34 -4.95 0.35 0.49
C HIS A 34 -5.54 1.79 0.44
N GLY A 35 -5.25 2.60 1.47
CA GLY A 35 -5.75 3.95 1.55
C GLY A 35 -5.05 4.91 0.62
N LEU A 36 -4.41 5.92 1.21
CA LEU A 36 -3.69 6.94 0.46
C LEU A 36 -2.49 6.33 -0.28
N GLY A 37 -1.40 6.08 0.44
CA GLY A 37 -0.21 5.50 -0.15
C GLY A 37 0.17 6.10 -1.47
N GLU A 38 0.82 7.24 -1.40
CA GLU A 38 1.29 7.94 -2.58
C GLU A 38 2.70 8.44 -2.38
N LEU A 39 3.52 7.59 -1.75
CA LEU A 39 4.92 7.95 -1.49
C LEU A 39 5.79 7.69 -2.71
N ARG A 40 5.31 6.79 -3.56
CA ARG A 40 6.01 6.42 -4.79
C ARG A 40 5.11 6.68 -6.00
N GLN A 41 4.63 7.92 -6.11
CA GLN A 41 3.77 8.31 -7.20
C GLN A 41 3.77 9.81 -7.41
N ALA A 42 4.71 10.50 -6.76
CA ALA A 42 4.83 11.95 -6.89
C ALA A 42 5.94 12.49 -6.00
N ASN A 43 5.79 12.32 -4.69
CA ASN A 43 6.78 12.81 -3.74
C ASN A 43 7.94 11.83 -3.63
N MET A 4 17.83 2.57 -4.00
CA MET A 4 18.58 1.97 -5.13
C MET A 4 18.41 0.46 -5.15
N THR A 5 18.84 -0.16 -6.26
CA THR A 5 18.74 -1.60 -6.43
C THR A 5 17.28 -2.06 -6.54
N THR A 6 16.38 -1.11 -6.84
CA THR A 6 14.96 -1.41 -6.98
C THR A 6 14.56 -1.42 -8.47
N SER A 7 13.99 -2.53 -8.92
CA SER A 7 13.57 -2.65 -10.31
C SER A 7 12.05 -2.72 -10.41
N SER A 8 11.47 -3.78 -9.83
CA SER A 8 10.02 -3.96 -9.87
C SER A 8 9.43 -3.79 -8.47
N ARG A 9 9.64 -4.77 -7.61
CA ARG A 9 9.11 -4.74 -6.25
C ARG A 9 7.59 -4.65 -6.27
N TYR A 10 7.01 -4.35 -5.11
CA TYR A 10 5.57 -4.23 -4.96
C TYR A 10 5.10 -2.83 -5.32
N LYS A 11 3.88 -2.50 -4.91
CA LYS A 11 3.29 -1.21 -5.20
C LYS A 11 3.93 -0.09 -4.40
N THR A 12 3.26 1.06 -4.38
CA THR A 12 3.75 2.24 -3.67
C THR A 12 2.69 2.83 -2.73
N GLU A 13 1.92 1.95 -2.10
CA GLU A 13 0.86 2.37 -1.19
C GLU A 13 1.12 1.85 0.24
N LEU A 14 0.15 2.07 1.15
CA LEU A 14 0.32 1.63 2.55
C LEU A 14 -1.01 1.45 3.28
N CYS A 15 -1.00 0.53 4.24
CA CYS A 15 -2.18 0.25 5.06
C CYS A 15 -2.37 1.38 6.08
N ARG A 16 -3.11 2.43 5.69
CA ARG A 16 -3.34 3.58 6.56
C ARG A 16 -4.40 3.28 7.64
N THR A 17 -5.63 3.73 7.40
CA THR A 17 -6.73 3.52 8.33
C THR A 17 -7.18 2.07 8.29
N TYR A 18 -6.88 1.44 7.17
CA TYR A 18 -7.21 0.07 6.89
C TYR A 18 -6.79 -0.85 8.03
N SER A 19 -5.53 -0.70 8.44
CA SER A 19 -4.94 -1.51 9.52
C SER A 19 -5.84 -1.62 10.75
N GLU A 20 -6.85 -0.78 10.85
CA GLU A 20 -7.76 -0.79 11.97
C GLU A 20 -9.03 -1.54 11.63
N SER A 21 -8.86 -2.58 10.83
CA SER A 21 -9.97 -3.44 10.41
C SER A 21 -10.94 -2.71 9.48
N GLY A 22 -10.49 -1.60 8.90
CA GLY A 22 -11.34 -0.83 8.01
C GLY A 22 -11.73 -1.60 6.75
N ARG A 23 -10.89 -1.50 5.76
CA ARG A 23 -11.11 -2.15 4.47
C ARG A 23 -10.08 -3.23 4.19
N CYS A 24 -8.85 -2.79 4.12
CA CYS A 24 -7.71 -3.65 3.84
C CYS A 24 -7.88 -4.30 2.47
N ARG A 25 -7.55 -3.52 1.44
CA ARG A 25 -7.65 -3.95 0.05
C ARG A 25 -7.01 -5.33 -0.18
N TYR A 26 -6.11 -5.70 0.72
CA TYR A 26 -5.42 -6.99 0.67
C TYR A 26 -5.39 -7.58 2.08
N GLY A 27 -6.53 -7.58 2.75
CA GLY A 27 -6.62 -8.10 4.12
C GLY A 27 -5.76 -9.34 4.36
N ALA A 28 -4.86 -9.22 5.33
CA ALA A 28 -3.95 -10.30 5.72
C ALA A 28 -2.75 -10.40 4.79
N LYS A 29 -2.91 -9.94 3.57
CA LYS A 29 -1.88 -10.00 2.57
C LYS A 29 -1.46 -8.61 2.13
N CYS A 30 -1.97 -7.59 2.81
CA CYS A 30 -1.67 -6.22 2.42
C CYS A 30 -0.25 -5.80 2.72
N GLN A 31 0.34 -5.19 1.70
CA GLN A 31 1.70 -4.70 1.75
C GLN A 31 1.76 -3.27 1.21
N PHE A 32 0.72 -2.87 0.49
CA PHE A 32 0.67 -1.54 -0.10
C PHE A 32 -0.74 -1.08 -0.43
N ALA A 33 -1.28 -1.54 -1.56
CA ALA A 33 -2.61 -1.13 -2.03
C ALA A 33 -3.60 -1.04 -0.89
N HIS A 34 -4.00 0.19 -0.56
CA HIS A 34 -4.94 0.45 0.53
C HIS A 34 -5.38 1.94 0.49
N GLY A 35 -5.62 2.57 1.66
CA GLY A 35 -6.01 3.95 1.71
C GLY A 35 -4.91 4.87 1.25
N LEU A 36 -4.98 5.32 0.01
CA LEU A 36 -3.97 6.21 -0.52
C LEU A 36 -2.59 5.59 -0.36
N GLY A 37 -1.61 6.21 -1.00
CA GLY A 37 -0.28 5.71 -0.92
C GLY A 37 0.70 6.57 -1.68
N GLU A 38 1.06 6.11 -2.86
CA GLU A 38 1.98 6.85 -3.70
C GLU A 38 3.26 7.26 -2.97
N LEU A 39 3.62 6.56 -1.89
CA LEU A 39 4.84 6.91 -1.14
C LEU A 39 5.97 7.31 -2.09
N ARG A 40 6.10 6.55 -3.15
CA ARG A 40 7.12 6.79 -4.17
C ARG A 40 6.53 7.52 -5.38
N GLN A 41 5.59 8.43 -5.13
CA GLN A 41 4.96 9.19 -6.19
C GLN A 41 4.24 10.42 -5.63
N ALA A 42 4.99 11.27 -4.93
CA ALA A 42 4.44 12.47 -4.32
C ALA A 42 3.55 13.24 -5.30
N ASN A 43 2.46 13.79 -4.76
CA ASN A 43 1.51 14.56 -5.57
C ASN A 43 1.38 15.99 -5.06
N MET A 4 6.20 0.31 -15.57
CA MET A 4 6.05 1.65 -14.94
C MET A 4 5.47 1.55 -13.54
N THR A 5 5.90 0.54 -12.80
CA THR A 5 5.44 0.32 -11.44
C THR A 5 6.49 -0.44 -10.64
N THR A 6 7.73 0.05 -10.69
CA THR A 6 8.84 -0.58 -9.98
C THR A 6 8.93 -2.07 -10.28
N SER A 7 9.86 -2.44 -11.14
CA SER A 7 10.05 -3.84 -11.50
C SER A 7 10.36 -4.66 -10.26
N SER A 8 9.76 -5.85 -10.17
CA SER A 8 9.98 -6.74 -9.03
C SER A 8 9.32 -6.17 -7.78
N ARG A 9 9.81 -5.02 -7.32
CA ARG A 9 9.29 -4.37 -6.12
C ARG A 9 7.76 -4.37 -6.10
N TYR A 10 7.19 -4.16 -4.92
CA TYR A 10 5.75 -4.15 -4.75
C TYR A 10 5.16 -2.80 -5.17
N LYS A 11 3.94 -2.54 -4.75
CA LYS A 11 3.25 -1.31 -5.10
C LYS A 11 3.83 -0.10 -4.40
N THR A 12 3.07 0.98 -4.38
CA THR A 12 3.50 2.23 -3.78
C THR A 12 2.46 2.76 -2.80
N GLU A 13 1.80 1.86 -2.07
CA GLU A 13 0.78 2.23 -1.12
C GLU A 13 1.14 1.74 0.28
N LEU A 14 0.19 1.84 1.21
CA LEU A 14 0.43 1.42 2.59
C LEU A 14 -0.87 1.26 3.39
N CYS A 15 -0.89 0.26 4.26
CA CYS A 15 -2.06 0.02 5.10
C CYS A 15 -2.27 1.20 6.04
N ARG A 16 -2.95 2.26 5.55
CA ARG A 16 -3.19 3.46 6.34
C ARG A 16 -4.36 3.28 7.33
N THR A 17 -5.53 3.80 6.97
CA THR A 17 -6.71 3.69 7.81
C THR A 17 -7.20 2.26 7.85
N TYR A 18 -6.88 1.55 6.78
CA TYR A 18 -7.23 0.17 6.59
C TYR A 18 -6.85 -0.67 7.82
N SER A 19 -5.59 -0.56 8.21
CA SER A 19 -5.03 -1.28 9.36
C SER A 19 -5.93 -1.23 10.60
N GLU A 20 -6.91 -0.35 10.59
CA GLU A 20 -7.83 -0.20 11.71
C GLU A 20 -9.10 -1.02 11.48
N SER A 21 -8.91 -2.13 10.77
CA SER A 21 -10.01 -3.04 10.45
C SER A 21 -10.98 -2.39 9.46
N GLY A 22 -10.51 -1.39 8.74
CA GLY A 22 -11.33 -0.70 7.77
C GLY A 22 -11.65 -1.54 6.55
N ARG A 23 -10.82 -1.39 5.54
CA ARG A 23 -10.99 -2.11 4.28
C ARG A 23 -9.96 -3.21 4.13
N CYS A 24 -8.72 -2.79 4.05
CA CYS A 24 -7.59 -3.68 3.87
C CYS A 24 -7.73 -4.41 2.52
N ARG A 25 -7.36 -3.70 1.45
CA ARG A 25 -7.44 -4.25 0.10
C ARG A 25 -6.83 -5.65 0.00
N TYR A 26 -5.99 -5.98 0.96
CA TYR A 26 -5.36 -7.28 1.08
C TYR A 26 -5.34 -7.62 2.56
N GLY A 27 -6.52 -7.65 3.17
CA GLY A 27 -6.65 -7.91 4.60
C GLY A 27 -5.68 -8.92 5.19
N ALA A 28 -5.33 -9.95 4.45
CA ALA A 28 -4.41 -10.97 4.96
C ALA A 28 -3.07 -10.93 4.23
N LYS A 29 -3.06 -10.29 3.07
CA LYS A 29 -1.88 -10.21 2.25
C LYS A 29 -1.49 -8.78 1.93
N CYS A 30 -1.89 -7.84 2.78
CA CYS A 30 -1.60 -6.44 2.49
C CYS A 30 -0.19 -5.99 2.85
N GLN A 31 0.43 -5.36 1.87
CA GLN A 31 1.77 -4.82 1.99
C GLN A 31 1.83 -3.41 1.40
N PHE A 32 0.80 -3.06 0.61
CA PHE A 32 0.76 -1.76 -0.03
C PHE A 32 -0.66 -1.34 -0.41
N ALA A 33 -1.14 -1.83 -1.57
CA ALA A 33 -2.45 -1.46 -2.10
C ALA A 33 -3.48 -1.33 -0.98
N HIS A 34 -3.79 -0.09 -0.62
CA HIS A 34 -4.74 0.19 0.46
C HIS A 34 -5.19 1.68 0.37
N GLY A 35 -5.30 2.37 1.52
CA GLY A 35 -5.70 3.76 1.51
C GLY A 35 -4.66 4.66 0.90
N LEU A 36 -4.78 5.95 1.15
CA LEU A 36 -3.85 6.94 0.63
C LEU A 36 -2.42 6.45 0.83
N GLY A 37 -1.73 6.27 -0.27
CA GLY A 37 -0.37 5.81 -0.25
C GLY A 37 0.34 6.12 -1.54
N GLU A 38 0.96 7.28 -1.55
CA GLU A 38 1.69 7.74 -2.73
C GLU A 38 3.19 7.74 -2.49
N LEU A 39 3.71 6.73 -1.79
CA LEU A 39 5.15 6.63 -1.51
C LEU A 39 5.99 7.07 -2.70
N ARG A 40 5.57 6.66 -3.88
CA ARG A 40 6.26 7.00 -5.12
C ARG A 40 5.41 7.93 -5.99
N GLN A 41 4.73 8.86 -5.34
CA GLN A 41 3.88 9.83 -6.04
C GLN A 41 3.71 11.12 -5.22
N ALA A 42 4.02 11.07 -3.92
CA ALA A 42 3.89 12.22 -3.06
C ALA A 42 4.76 13.37 -3.53
N ASN A 43 4.12 14.46 -3.96
CA ASN A 43 4.84 15.62 -4.45
C ASN A 43 3.87 16.74 -4.83
N MET A 4 17.46 4.54 -1.57
CA MET A 4 18.30 5.21 -2.61
C MET A 4 18.20 4.50 -3.96
N THR A 5 18.91 3.38 -4.08
CA THR A 5 18.90 2.60 -5.31
C THR A 5 17.94 1.41 -5.19
N THR A 6 16.66 1.66 -5.43
CA THR A 6 15.65 0.62 -5.36
C THR A 6 15.35 0.04 -6.73
N SER A 7 15.77 -1.20 -6.96
CA SER A 7 15.55 -1.87 -8.23
C SER A 7 14.14 -2.44 -8.31
N SER A 8 13.28 -1.78 -9.09
CA SER A 8 11.90 -2.21 -9.25
C SER A 8 11.08 -1.88 -7.99
N ARG A 9 11.43 -2.54 -6.88
CA ARG A 9 10.74 -2.32 -5.62
C ARG A 9 9.28 -2.74 -5.73
N TYR A 10 8.66 -3.00 -4.59
CA TYR A 10 7.27 -3.41 -4.53
C TYR A 10 6.35 -2.26 -4.94
N LYS A 11 5.08 -2.39 -4.61
CA LYS A 11 4.07 -1.40 -4.95
C LYS A 11 4.39 -0.03 -4.35
N THR A 12 3.39 0.84 -4.40
CA THR A 12 3.52 2.21 -3.90
C THR A 12 2.66 2.46 -2.66
N GLU A 13 1.58 1.71 -2.53
CA GLU A 13 0.65 1.91 -1.42
C GLU A 13 1.09 1.31 -0.09
N LEU A 14 0.21 1.40 0.92
CA LEU A 14 0.49 0.90 2.26
C LEU A 14 -0.78 0.86 3.11
N CYS A 15 -0.81 -0.05 4.08
CA CYS A 15 -1.96 -0.19 4.97
C CYS A 15 -2.03 1.02 5.92
N ARG A 16 -2.64 2.11 5.44
CA ARG A 16 -2.76 3.33 6.22
C ARG A 16 -3.87 3.23 7.29
N THR A 17 -5.03 3.80 7.00
CA THR A 17 -6.16 3.79 7.93
C THR A 17 -6.78 2.40 7.99
N TYR A 18 -6.54 1.64 6.93
CA TYR A 18 -7.03 0.30 6.77
C TYR A 18 -6.67 -0.58 7.97
N SER A 19 -5.42 -0.48 8.39
CA SER A 19 -4.91 -1.26 9.53
C SER A 19 -5.81 -1.18 10.76
N GLU A 20 -6.78 -0.27 10.73
CA GLU A 20 -7.71 -0.12 11.84
C GLU A 20 -8.99 -0.88 11.57
N SER A 21 -8.84 -2.00 10.88
CA SER A 21 -9.95 -2.87 10.52
C SER A 21 -10.89 -2.20 9.52
N GLY A 22 -10.40 -1.16 8.85
CA GLY A 22 -11.21 -0.45 7.88
C GLY A 22 -11.61 -1.31 6.70
N ARG A 23 -10.81 -1.24 5.65
CA ARG A 23 -11.06 -1.98 4.42
C ARG A 23 -10.06 -3.11 4.22
N CYS A 24 -8.83 -2.71 4.06
CA CYS A 24 -7.73 -3.63 3.80
C CYS A 24 -7.96 -4.28 2.44
N ARG A 25 -7.56 -3.57 1.40
CA ARG A 25 -7.73 -4.01 0.01
C ARG A 25 -7.18 -5.43 -0.20
N TYR A 26 -6.32 -5.88 0.71
CA TYR A 26 -5.74 -7.22 0.66
C TYR A 26 -5.65 -7.77 2.09
N GLY A 27 -6.74 -7.63 2.83
CA GLY A 27 -6.78 -8.10 4.21
C GLY A 27 -6.06 -9.41 4.43
N ALA A 28 -5.16 -9.42 5.42
CA ALA A 28 -4.37 -10.59 5.76
C ALA A 28 -3.24 -10.81 4.77
N LYS A 29 -3.40 -10.29 3.57
CA LYS A 29 -2.43 -10.40 2.53
C LYS A 29 -2.00 -9.03 2.02
N CYS A 30 -2.25 -8.00 2.82
CA CYS A 30 -1.95 -6.65 2.39
C CYS A 30 -0.55 -6.17 2.72
N GLN A 31 0.22 -5.98 1.66
CA GLN A 31 1.56 -5.46 1.75
C GLN A 31 1.57 -4.06 1.16
N PHE A 32 0.54 -3.77 0.37
CA PHE A 32 0.37 -2.49 -0.27
C PHE A 32 -1.10 -2.32 -0.69
N ALA A 33 -1.35 -1.52 -1.72
CA ALA A 33 -2.71 -1.30 -2.22
C ALA A 33 -3.70 -1.15 -1.07
N HIS A 34 -4.00 0.08 -0.68
CA HIS A 34 -4.92 0.34 0.44
C HIS A 34 -5.38 1.83 0.40
N GLY A 35 -5.43 2.53 1.56
CA GLY A 35 -5.84 3.91 1.60
C GLY A 35 -4.93 4.81 0.80
N LEU A 36 -4.08 5.55 1.51
CA LEU A 36 -3.12 6.45 0.89
C LEU A 36 -2.15 5.63 0.03
N GLY A 37 -0.85 5.83 0.18
CA GLY A 37 0.11 5.05 -0.57
C GLY A 37 0.68 5.75 -1.77
N GLU A 38 0.24 6.96 -2.03
CA GLU A 38 0.75 7.70 -3.18
C GLU A 38 2.01 8.48 -2.78
N LEU A 39 2.80 7.92 -1.86
CA LEU A 39 4.02 8.58 -1.41
C LEU A 39 5.17 8.31 -2.37
N ARG A 40 5.03 7.26 -3.16
CA ARG A 40 6.05 6.89 -4.14
C ARG A 40 5.53 7.12 -5.55
N GLN A 41 4.66 8.11 -5.70
CA GLN A 41 4.07 8.45 -6.97
C GLN A 41 3.72 9.93 -7.03
N ALA A 42 2.93 10.39 -6.06
CA ALA A 42 2.52 11.79 -6.00
C ALA A 42 1.73 12.18 -7.24
N ASN A 43 0.46 12.51 -7.06
CA ASN A 43 -0.41 12.89 -8.16
C ASN A 43 -0.80 14.37 -8.05
N MET A 4 18.10 -0.03 -6.00
CA MET A 4 18.12 1.16 -6.91
C MET A 4 16.82 1.96 -6.82
N THR A 5 16.43 2.30 -5.58
CA THR A 5 15.21 3.05 -5.32
C THR A 5 13.99 2.13 -5.26
N THR A 6 13.96 1.14 -6.14
CA THR A 6 12.86 0.17 -6.19
C THR A 6 13.39 -1.20 -6.58
N SER A 7 13.68 -1.38 -7.87
CA SER A 7 14.19 -2.66 -8.38
C SER A 7 13.20 -3.78 -8.13
N SER A 8 12.21 -3.91 -9.02
CA SER A 8 11.20 -4.95 -8.90
C SER A 8 10.51 -4.86 -7.54
N ARG A 9 10.36 -3.65 -7.03
CA ARG A 9 9.73 -3.44 -5.74
C ARG A 9 8.22 -3.59 -5.87
N TYR A 10 7.56 -3.65 -4.72
CA TYR A 10 6.13 -3.80 -4.68
C TYR A 10 5.44 -2.48 -5.02
N LYS A 11 4.18 -2.37 -4.66
CA LYS A 11 3.41 -1.18 -4.96
C LYS A 11 3.94 0.02 -4.18
N THR A 12 3.13 1.06 -4.13
CA THR A 12 3.51 2.30 -3.46
C THR A 12 2.58 2.63 -2.30
N GLU A 13 1.51 1.86 -2.15
CA GLU A 13 0.54 2.12 -1.12
C GLU A 13 0.97 1.60 0.24
N LEU A 14 0.09 1.71 1.24
CA LEU A 14 0.40 1.28 2.58
C LEU A 14 -0.88 1.13 3.42
N CYS A 15 -0.85 0.21 4.39
CA CYS A 15 -1.99 -0.02 5.26
C CYS A 15 -2.16 1.15 6.23
N ARG A 16 -2.80 2.23 5.74
CA ARG A 16 -3.00 3.42 6.55
C ARG A 16 -4.13 3.22 7.57
N THR A 17 -5.33 3.72 7.25
CA THR A 17 -6.47 3.59 8.13
C THR A 17 -7.02 2.16 8.09
N TYR A 18 -6.67 1.48 7.02
CA TYR A 18 -7.08 0.12 6.77
C TYR A 18 -6.70 -0.79 7.94
N SER A 19 -5.47 -0.64 8.41
CA SER A 19 -4.93 -1.44 9.50
C SER A 19 -5.89 -1.53 10.68
N GLU A 20 -6.86 -0.63 10.74
CA GLU A 20 -7.83 -0.62 11.81
C GLU A 20 -9.16 -1.19 11.33
N SER A 21 -9.05 -2.18 10.46
CA SER A 21 -10.21 -2.85 9.89
C SER A 21 -10.98 -1.93 8.95
N GLY A 22 -10.37 -0.79 8.58
CA GLY A 22 -11.02 0.15 7.70
C GLY A 22 -11.33 -0.40 6.32
N ARG A 23 -10.67 -1.51 5.95
CA ARG A 23 -10.86 -2.14 4.64
C ARG A 23 -9.86 -3.25 4.35
N CYS A 24 -8.62 -2.85 4.18
CA CYS A 24 -7.54 -3.77 3.85
C CYS A 24 -7.79 -4.39 2.49
N ARG A 25 -7.40 -3.65 1.45
CA ARG A 25 -7.58 -4.08 0.07
C ARG A 25 -6.93 -5.46 -0.21
N TYR A 26 -6.11 -5.91 0.72
CA TYR A 26 -5.45 -7.22 0.65
C TYR A 26 -5.44 -7.84 2.04
N GLY A 27 -6.63 -7.90 2.65
CA GLY A 27 -6.76 -8.47 3.99
C GLY A 27 -5.86 -9.67 4.24
N ALA A 28 -4.99 -9.53 5.25
CA ALA A 28 -4.03 -10.57 5.63
C ALA A 28 -2.91 -10.71 4.61
N LYS A 29 -3.12 -10.17 3.41
CA LYS A 29 -2.16 -10.24 2.35
C LYS A 29 -1.74 -8.85 1.90
N CYS A 30 -1.97 -7.85 2.75
CA CYS A 30 -1.66 -6.48 2.37
C CYS A 30 -0.22 -6.07 2.66
N GLN A 31 0.37 -5.47 1.64
CA GLN A 31 1.72 -4.97 1.69
C GLN A 31 1.75 -3.51 1.22
N PHE A 32 0.72 -3.12 0.48
CA PHE A 32 0.64 -1.76 -0.03
C PHE A 32 -0.80 -1.32 -0.33
N ALA A 33 -1.25 -1.61 -1.56
CA ALA A 33 -2.59 -1.22 -2.03
C ALA A 33 -3.61 -1.13 -0.91
N HIS A 34 -3.91 0.10 -0.50
CA HIS A 34 -4.87 0.35 0.57
C HIS A 34 -5.37 1.82 0.49
N GLY A 35 -5.49 2.53 1.62
CA GLY A 35 -5.94 3.91 1.63
C GLY A 35 -5.30 4.78 0.58
N LEU A 36 -4.36 5.60 1.01
CA LEU A 36 -3.64 6.50 0.12
C LEU A 36 -2.40 5.80 -0.45
N GLY A 37 -1.26 5.98 0.21
CA GLY A 37 -0.04 5.33 -0.22
C GLY A 37 0.37 5.66 -1.64
N GLU A 38 0.77 6.89 -1.84
CA GLU A 38 1.24 7.36 -3.14
C GLU A 38 2.59 8.03 -2.98
N LEU A 39 3.36 7.56 -1.99
CA LEU A 39 4.68 8.14 -1.72
C LEU A 39 5.74 7.69 -2.71
N ARG A 40 5.37 6.74 -3.56
CA ARG A 40 6.27 6.21 -4.58
C ARG A 40 5.66 6.35 -5.96
N GLN A 41 4.64 7.21 -6.07
CA GLN A 41 3.97 7.43 -7.32
C GLN A 41 3.51 8.88 -7.47
N ALA A 42 3.28 9.55 -6.34
CA ALA A 42 2.83 10.94 -6.36
C ALA A 42 3.63 11.79 -7.35
N ASN A 43 2.91 12.49 -8.21
CA ASN A 43 3.53 13.34 -9.22
C ASN A 43 2.64 14.53 -9.55
N MET A 4 15.61 5.53 -8.27
CA MET A 4 15.91 4.13 -7.89
C MET A 4 14.77 3.19 -8.32
N THR A 5 14.86 2.68 -9.55
CA THR A 5 13.85 1.78 -10.07
C THR A 5 14.03 0.38 -9.48
N THR A 6 13.02 -0.06 -8.72
CA THR A 6 13.07 -1.37 -8.10
C THR A 6 12.34 -2.42 -8.94
N SER A 7 13.11 -3.33 -9.52
CA SER A 7 12.54 -4.38 -10.36
C SER A 7 11.73 -5.38 -9.54
N SER A 8 10.54 -5.71 -10.02
CA SER A 8 9.67 -6.67 -9.36
C SER A 8 9.27 -6.21 -7.96
N ARG A 9 9.16 -4.91 -7.76
CA ARG A 9 8.76 -4.37 -6.47
C ARG A 9 7.25 -4.41 -6.32
N TYR A 10 6.77 -4.15 -5.12
CA TYR A 10 5.35 -4.17 -4.85
C TYR A 10 4.69 -2.88 -5.32
N LYS A 11 3.52 -2.59 -4.79
CA LYS A 11 2.75 -1.43 -5.21
C LYS A 11 3.36 -0.14 -4.66
N THR A 12 2.57 0.92 -4.71
CA THR A 12 3.01 2.24 -4.25
C THR A 12 2.05 2.79 -3.21
N GLU A 13 1.61 1.94 -2.31
CA GLU A 13 0.67 2.33 -1.29
C GLU A 13 1.09 1.87 0.11
N LEU A 14 0.16 1.96 1.06
CA LEU A 14 0.43 1.58 2.44
C LEU A 14 -0.86 1.41 3.25
N CYS A 15 -0.84 0.46 4.17
CA CYS A 15 -1.99 0.17 5.03
C CYS A 15 -2.17 1.31 6.03
N ARG A 16 -2.80 2.41 5.60
CA ARG A 16 -3.00 3.57 6.45
C ARG A 16 -4.11 3.34 7.47
N THR A 17 -5.31 3.83 7.18
CA THR A 17 -6.45 3.67 8.08
C THR A 17 -6.96 2.23 8.05
N TYR A 18 -6.62 1.55 6.97
CA TYR A 18 -7.00 0.18 6.72
C TYR A 18 -6.64 -0.73 7.90
N SER A 19 -5.42 -0.55 8.41
CA SER A 19 -4.91 -1.34 9.53
C SER A 19 -5.92 -1.45 10.66
N GLU A 20 -6.90 -0.56 10.68
CA GLU A 20 -7.92 -0.57 11.71
C GLU A 20 -9.18 -1.24 11.20
N SER A 21 -8.96 -2.22 10.33
CA SER A 21 -10.06 -3.00 9.74
C SER A 21 -10.91 -2.15 8.79
N GLY A 22 -10.39 -0.99 8.38
CA GLY A 22 -11.13 -0.12 7.50
C GLY A 22 -11.43 -0.72 6.15
N ARG A 23 -10.60 -1.66 5.72
CA ARG A 23 -10.78 -2.32 4.43
C ARG A 23 -9.73 -3.37 4.17
N CYS A 24 -8.49 -2.92 4.13
CA CYS A 24 -7.37 -3.78 3.84
C CYS A 24 -7.58 -4.44 2.49
N ARG A 25 -7.22 -3.72 1.44
CA ARG A 25 -7.38 -4.19 0.06
C ARG A 25 -6.76 -5.58 -0.15
N TYR A 26 -5.89 -5.98 0.77
CA TYR A 26 -5.25 -7.30 0.75
C TYR A 26 -5.27 -7.87 2.17
N GLY A 27 -6.44 -7.80 2.81
CA GLY A 27 -6.59 -8.28 4.18
C GLY A 27 -5.81 -9.54 4.48
N ALA A 28 -4.90 -9.43 5.45
CA ALA A 28 -4.05 -10.54 5.89
C ALA A 28 -2.83 -10.70 4.99
N LYS A 29 -2.97 -10.29 3.74
CA LYS A 29 -1.92 -10.39 2.77
C LYS A 29 -1.52 -9.03 2.25
N CYS A 30 -1.84 -7.99 3.01
CA CYS A 30 -1.55 -6.64 2.56
C CYS A 30 -0.15 -6.13 2.88
N GLN A 31 0.51 -5.67 1.84
CA GLN A 31 1.82 -5.09 1.92
C GLN A 31 1.81 -3.67 1.33
N PHE A 32 0.80 -3.42 0.51
CA PHE A 32 0.59 -2.14 -0.14
C PHE A 32 -0.86 -2.05 -0.60
N ALA A 33 -1.13 -1.14 -1.54
CA ALA A 33 -2.47 -0.98 -2.08
C ALA A 33 -3.53 -0.97 -0.99
N HIS A 34 -3.91 0.22 -0.56
CA HIS A 34 -4.93 0.39 0.48
C HIS A 34 -5.53 1.82 0.40
N GLY A 35 -5.33 2.63 1.46
CA GLY A 35 -5.86 3.98 1.51
C GLY A 35 -5.24 4.86 0.45
N LEU A 36 -4.58 5.92 0.90
CA LEU A 36 -3.93 6.85 -0.01
C LEU A 36 -2.72 6.17 -0.65
N GLY A 37 -1.65 6.03 0.13
CA GLY A 37 -0.45 5.39 -0.34
C GLY A 37 0.12 5.99 -1.61
N GLU A 38 0.90 7.04 -1.41
CA GLU A 38 1.56 7.72 -2.52
C GLU A 38 2.96 8.10 -2.10
N LEU A 39 3.60 7.22 -1.35
CA LEU A 39 4.95 7.48 -0.88
C LEU A 39 5.91 7.63 -2.04
N ARG A 40 5.92 6.60 -2.87
CA ARG A 40 6.77 6.55 -4.04
C ARG A 40 6.03 6.98 -5.31
N GLN A 41 5.12 7.93 -5.17
CA GLN A 41 4.35 8.43 -6.30
C GLN A 41 3.89 9.86 -6.06
N ALA A 42 4.48 10.51 -5.06
CA ALA A 42 4.13 11.87 -4.73
C ALA A 42 5.03 12.42 -3.63
N ASN A 43 5.40 11.56 -2.68
CA ASN A 43 6.26 11.97 -1.58
C ASN A 43 7.72 12.00 -2.01
N MET A 4 7.81 3.52 -15.04
CA MET A 4 7.90 2.31 -14.19
C MET A 4 9.22 1.57 -14.43
N THR A 5 10.09 1.57 -13.42
CA THR A 5 11.38 0.92 -13.52
C THR A 5 11.46 -0.30 -12.60
N THR A 6 10.53 -0.39 -11.66
CA THR A 6 10.51 -1.50 -10.72
C THR A 6 9.84 -2.73 -11.35
N SER A 7 10.62 -3.78 -11.57
CA SER A 7 10.10 -5.01 -12.17
C SER A 7 10.07 -6.16 -11.16
N SER A 8 10.22 -5.83 -9.87
CA SER A 8 10.20 -6.82 -8.81
C SER A 8 9.55 -6.28 -7.55
N ARG A 9 9.74 -4.98 -7.29
CA ARG A 9 9.17 -4.35 -6.12
C ARG A 9 7.65 -4.35 -6.18
N TYR A 10 7.03 -4.12 -5.04
CA TYR A 10 5.59 -4.08 -4.92
C TYR A 10 5.06 -2.71 -5.31
N LYS A 11 3.84 -2.43 -4.90
CA LYS A 11 3.18 -1.19 -5.23
C LYS A 11 3.77 -0.01 -4.47
N THR A 12 3.04 1.10 -4.48
CA THR A 12 3.48 2.31 -3.81
C THR A 12 2.40 2.83 -2.88
N GLU A 13 1.80 1.91 -2.13
CA GLU A 13 0.73 2.24 -1.22
C GLU A 13 1.04 1.71 0.20
N LEU A 14 0.15 1.98 1.17
CA LEU A 14 0.35 1.53 2.55
C LEU A 14 -0.97 1.37 3.30
N CYS A 15 -0.95 0.49 4.30
CA CYS A 15 -2.11 0.22 5.13
C CYS A 15 -2.30 1.37 6.12
N ARG A 16 -2.97 2.43 5.66
CA ARG A 16 -3.20 3.60 6.49
C ARG A 16 -4.32 3.37 7.50
N THR A 17 -5.53 3.87 7.19
CA THR A 17 -6.68 3.72 8.06
C THR A 17 -7.16 2.28 8.05
N TYR A 18 -6.78 1.57 7.00
CA TYR A 18 -7.13 0.19 6.80
C TYR A 18 -6.74 -0.67 7.99
N SER A 19 -5.50 -0.50 8.45
CA SER A 19 -4.97 -1.25 9.58
C SER A 19 -5.90 -1.22 10.79
N GLU A 20 -6.86 -0.30 10.77
CA GLU A 20 -7.82 -0.17 11.84
C GLU A 20 -9.08 -0.96 11.53
N SER A 21 -8.89 -2.04 10.80
CA SER A 21 -9.99 -2.93 10.44
C SER A 21 -10.91 -2.29 9.40
N GLY A 22 -10.42 -1.26 8.71
CA GLY A 22 -11.22 -0.60 7.71
C GLY A 22 -11.60 -1.50 6.56
N ARG A 23 -10.75 -1.50 5.54
CA ARG A 23 -10.98 -2.29 4.34
C ARG A 23 -9.92 -3.36 4.16
N CYS A 24 -8.71 -2.88 4.03
CA CYS A 24 -7.55 -3.73 3.79
C CYS A 24 -7.72 -4.40 2.42
N ARG A 25 -7.33 -3.67 1.38
CA ARG A 25 -7.46 -4.13 0.00
C ARG A 25 -6.81 -5.50 -0.23
N TYR A 26 -5.96 -5.91 0.69
CA TYR A 26 -5.29 -7.21 0.64
C TYR A 26 -5.29 -7.82 2.03
N GLY A 27 -6.46 -7.86 2.65
CA GLY A 27 -6.58 -8.40 3.99
C GLY A 27 -5.70 -9.61 4.24
N ALA A 28 -4.86 -9.50 5.28
CA ALA A 28 -3.93 -10.56 5.66
C ALA A 28 -2.75 -10.67 4.70
N LYS A 29 -2.91 -10.13 3.51
CA LYS A 29 -1.88 -10.16 2.51
C LYS A 29 -1.51 -8.76 2.04
N CYS A 30 -1.89 -7.75 2.82
CA CYS A 30 -1.62 -6.38 2.43
C CYS A 30 -0.21 -5.92 2.74
N GLN A 31 0.38 -5.33 1.71
CA GLN A 31 1.73 -4.80 1.79
C GLN A 31 1.77 -3.38 1.25
N PHE A 32 0.73 -3.00 0.52
CA PHE A 32 0.66 -1.67 -0.07
C PHE A 32 -0.77 -1.23 -0.40
N ALA A 33 -1.25 -1.63 -1.57
CA ALA A 33 -2.59 -1.25 -2.05
C ALA A 33 -3.60 -1.14 -0.91
N HIS A 34 -4.00 0.10 -0.59
CA HIS A 34 -4.95 0.34 0.50
C HIS A 34 -5.50 1.80 0.41
N GLY A 35 -5.56 2.55 1.53
CA GLY A 35 -6.06 3.91 1.54
C GLY A 35 -5.42 4.79 0.48
N LEU A 36 -4.61 5.74 0.92
CA LEU A 36 -3.92 6.65 0.02
C LEU A 36 -2.76 5.92 -0.65
N GLY A 37 -1.62 5.87 0.05
CA GLY A 37 -0.47 5.18 -0.48
C GLY A 37 0.15 5.87 -1.67
N GLU A 38 1.18 6.66 -1.39
CA GLU A 38 1.90 7.41 -2.42
C GLU A 38 3.39 7.41 -2.13
N LEU A 39 3.88 6.31 -1.54
CA LEU A 39 5.30 6.20 -1.20
C LEU A 39 6.19 6.71 -2.32
N ARG A 40 5.72 6.54 -3.54
CA ARG A 40 6.45 6.99 -4.72
C ARG A 40 5.62 8.01 -5.50
N GLN A 41 4.98 8.92 -4.77
CA GLN A 41 4.15 9.94 -5.37
C GLN A 41 3.96 11.12 -4.43
N ALA A 42 5.01 11.46 -3.69
CA ALA A 42 4.96 12.57 -2.74
C ALA A 42 4.12 12.22 -1.52
N ASN A 43 4.60 12.64 -0.35
CA ASN A 43 3.91 12.38 0.90
C ASN A 43 2.76 13.37 1.10
N MET A 4 8.02 -2.87 -16.14
CA MET A 4 8.17 -1.81 -17.17
C MET A 4 8.88 -0.58 -16.59
N THR A 5 8.47 -0.19 -15.38
CA THR A 5 9.06 0.98 -14.73
C THR A 5 9.63 0.60 -13.36
N THR A 6 9.00 -0.35 -12.69
CA THR A 6 9.44 -0.79 -11.37
C THR A 6 9.03 -2.23 -11.11
N SER A 7 9.61 -3.15 -11.88
CA SER A 7 9.30 -4.57 -11.74
C SER A 7 9.88 -5.13 -10.44
N SER A 8 9.50 -6.37 -10.13
CA SER A 8 9.97 -7.05 -8.92
C SER A 8 9.39 -6.40 -7.67
N ARG A 9 9.72 -5.14 -7.45
CA ARG A 9 9.22 -4.41 -6.28
C ARG A 9 7.69 -4.37 -6.29
N TYR A 10 7.12 -4.18 -5.10
CA TYR A 10 5.69 -4.13 -4.94
C TYR A 10 5.15 -2.75 -5.31
N LYS A 11 3.94 -2.47 -4.87
CA LYS A 11 3.30 -1.20 -5.17
C LYS A 11 3.92 -0.06 -4.38
N THR A 12 3.23 1.06 -4.39
CA THR A 12 3.69 2.26 -3.70
C THR A 12 2.70 2.71 -2.63
N GLU A 13 1.75 1.86 -2.30
CA GLU A 13 0.74 2.20 -1.33
C GLU A 13 1.09 1.68 0.08
N LEU A 14 0.12 1.73 0.98
CA LEU A 14 0.34 1.29 2.36
C LEU A 14 -0.97 1.19 3.14
N CYS A 15 -0.96 0.32 4.15
CA CYS A 15 -2.11 0.11 5.00
C CYS A 15 -2.28 1.32 5.93
N ARG A 16 -2.90 2.39 5.42
CA ARG A 16 -3.08 3.60 6.20
C ARG A 16 -4.16 3.43 7.29
N THR A 17 -5.38 3.88 7.00
CA THR A 17 -6.48 3.78 7.94
C THR A 17 -7.00 2.35 7.98
N TYR A 18 -6.74 1.64 6.90
CA TYR A 18 -7.13 0.27 6.72
C TYR A 18 -6.74 -0.60 7.92
N SER A 19 -5.49 -0.45 8.35
CA SER A 19 -4.94 -1.21 9.48
C SER A 19 -5.85 -1.18 10.71
N GLU A 20 -6.86 -0.32 10.70
CA GLU A 20 -7.79 -0.21 11.81
C GLU A 20 -9.05 -1.01 11.53
N SER A 21 -8.86 -2.10 10.81
CA SER A 21 -9.95 -3.01 10.45
C SER A 21 -10.91 -2.36 9.45
N GLY A 22 -10.46 -1.29 8.80
CA GLY A 22 -11.29 -0.60 7.84
C GLY A 22 -11.67 -1.47 6.65
N ARG A 23 -10.84 -1.41 5.63
CA ARG A 23 -11.05 -2.16 4.40
C ARG A 23 -10.02 -3.26 4.24
N CYS A 24 -8.80 -2.81 4.09
CA CYS A 24 -7.65 -3.69 3.88
C CYS A 24 -7.82 -4.43 2.55
N ARG A 25 -7.43 -3.75 1.46
CA ARG A 25 -7.52 -4.30 0.12
C ARG A 25 -6.90 -5.70 0.03
N TYR A 26 -6.03 -6.00 0.99
CA TYR A 26 -5.37 -7.29 1.11
C TYR A 26 -5.28 -7.61 2.60
N GLY A 27 -6.43 -7.61 3.27
CA GLY A 27 -6.49 -7.84 4.71
C GLY A 27 -5.51 -8.87 5.25
N ALA A 28 -5.18 -9.89 4.48
CA ALA A 28 -4.23 -10.90 4.94
C ALA A 28 -2.92 -10.84 4.17
N LYS A 29 -2.95 -10.18 3.02
CA LYS A 29 -1.79 -10.07 2.18
C LYS A 29 -1.46 -8.63 1.85
N CYS A 30 -1.85 -7.70 2.71
CA CYS A 30 -1.61 -6.30 2.42
C CYS A 30 -0.22 -5.82 2.77
N GLN A 31 0.40 -5.23 1.76
CA GLN A 31 1.74 -4.69 1.86
C GLN A 31 1.78 -3.27 1.27
N PHE A 32 0.73 -2.91 0.52
CA PHE A 32 0.64 -1.61 -0.10
C PHE A 32 -0.80 -1.23 -0.45
N ALA A 33 -1.28 -1.74 -1.59
CA ALA A 33 -2.63 -1.44 -2.08
C ALA A 33 -3.63 -1.29 -0.94
N HIS A 34 -4.07 -0.06 -0.69
CA HIS A 34 -5.01 0.22 0.39
C HIS A 34 -5.55 1.68 0.26
N GLY A 35 -5.65 2.43 1.38
CA GLY A 35 -6.13 3.80 1.36
C GLY A 35 -5.44 4.67 0.34
N LEU A 36 -4.66 5.63 0.82
CA LEU A 36 -3.92 6.54 -0.04
C LEU A 36 -2.70 5.85 -0.63
N GLY A 37 -1.62 5.79 0.15
CA GLY A 37 -0.41 5.14 -0.29
C GLY A 37 0.21 5.77 -1.51
N GLU A 38 1.06 6.75 -1.28
CA GLU A 38 1.75 7.45 -2.36
C GLU A 38 3.25 7.55 -2.08
N LEU A 39 3.79 6.56 -1.36
CA LEU A 39 5.21 6.54 -1.00
C LEU A 39 6.11 7.03 -2.12
N ARG A 40 5.71 6.76 -3.35
CA ARG A 40 6.46 7.18 -4.52
C ARG A 40 5.61 8.03 -5.46
N GLN A 41 4.70 8.82 -4.88
CA GLN A 41 3.83 9.68 -5.65
C GLN A 41 3.27 10.79 -4.76
N ALA A 42 4.15 11.62 -4.22
CA ALA A 42 3.74 12.70 -3.35
C ALA A 42 2.89 13.74 -4.08
N ASN A 43 2.79 13.62 -5.40
CA ASN A 43 2.00 14.54 -6.21
C ASN A 43 2.17 14.25 -7.69
N MET A 4 22.94 -4.59 -7.79
CA MET A 4 21.48 -4.84 -7.97
C MET A 4 20.70 -3.53 -8.00
N THR A 5 20.33 -3.09 -9.21
CA THR A 5 19.57 -1.85 -9.36
C THR A 5 18.07 -2.12 -9.24
N THR A 6 17.36 -1.20 -8.60
CA THR A 6 15.92 -1.34 -8.43
C THR A 6 15.19 -0.79 -9.64
N SER A 7 14.13 -1.49 -10.04
CA SER A 7 13.34 -1.08 -11.20
C SER A 7 11.94 -1.66 -11.10
N SER A 8 11.85 -2.97 -10.93
CA SER A 8 10.57 -3.66 -10.81
C SER A 8 10.19 -3.81 -9.34
N ARG A 9 10.33 -2.73 -8.58
CA ARG A 9 9.99 -2.76 -7.16
C ARG A 9 8.52 -3.09 -6.97
N TYR A 10 8.10 -3.16 -5.71
CA TYR A 10 6.72 -3.47 -5.38
C TYR A 10 5.83 -2.27 -5.65
N LYS A 11 4.63 -2.30 -5.09
CA LYS A 11 3.67 -1.23 -5.29
C LYS A 11 4.13 0.07 -4.64
N THR A 12 3.20 0.99 -4.46
CA THR A 12 3.50 2.28 -3.88
C THR A 12 2.44 2.72 -2.88
N GLU A 13 1.82 1.76 -2.20
CA GLU A 13 0.78 2.04 -1.25
C GLU A 13 1.11 1.47 0.14
N LEU A 14 0.13 1.50 1.05
CA LEU A 14 0.35 1.01 2.41
C LEU A 14 -0.95 0.89 3.21
N CYS A 15 -0.91 0.04 4.23
CA CYS A 15 -2.06 -0.16 5.09
C CYS A 15 -2.22 1.04 6.03
N ARG A 16 -2.86 2.11 5.54
CA ARG A 16 -3.04 3.32 6.31
C ARG A 16 -4.12 3.17 7.39
N THR A 17 -5.32 3.66 7.09
CA THR A 17 -6.43 3.60 8.02
C THR A 17 -7.00 2.19 8.04
N TYR A 18 -6.74 1.49 6.96
CA TYR A 18 -7.18 0.13 6.75
C TYR A 18 -6.80 -0.77 7.93
N SER A 19 -5.56 -0.63 8.38
CA SER A 19 -5.03 -1.42 9.49
C SER A 19 -5.97 -1.42 10.70
N GLU A 20 -6.90 -0.47 10.72
CA GLU A 20 -7.85 -0.37 11.82
C GLU A 20 -9.19 -0.97 11.42
N SER A 21 -9.11 -2.00 10.61
CA SER A 21 -10.30 -2.71 10.11
C SER A 21 -11.12 -1.82 9.18
N GLY A 22 -10.50 -0.73 8.71
CA GLY A 22 -11.19 0.19 7.83
C GLY A 22 -11.50 -0.37 6.47
N ARG A 23 -10.83 -1.46 6.10
CA ARG A 23 -11.03 -2.08 4.79
C ARG A 23 -10.05 -3.22 4.52
N CYS A 24 -8.81 -2.84 4.30
CA CYS A 24 -7.74 -3.77 4.01
C CYS A 24 -8.00 -4.45 2.66
N ARG A 25 -7.67 -3.73 1.60
CA ARG A 25 -7.86 -4.19 0.23
C ARG A 25 -7.21 -5.56 -0.02
N TYR A 26 -6.32 -5.95 0.87
CA TYR A 26 -5.63 -7.23 0.82
C TYR A 26 -5.46 -7.76 2.23
N GLY A 27 -6.54 -7.72 3.01
CA GLY A 27 -6.49 -8.18 4.39
C GLY A 27 -5.60 -9.39 4.60
N ALA A 28 -4.70 -9.28 5.57
CA ALA A 28 -3.75 -10.35 5.89
C ALA A 28 -2.65 -10.48 4.85
N LYS A 29 -2.93 -10.06 3.63
CA LYS A 29 -1.98 -10.14 2.56
C LYS A 29 -1.56 -8.77 2.06
N CYS A 30 -2.05 -7.74 2.73
CA CYS A 30 -1.75 -6.38 2.28
C CYS A 30 -0.30 -5.97 2.48
N GLN A 31 0.30 -5.57 1.38
CA GLN A 31 1.67 -5.12 1.33
C GLN A 31 1.70 -3.65 0.95
N PHE A 32 0.63 -3.21 0.28
CA PHE A 32 0.52 -1.83 -0.17
C PHE A 32 -0.93 -1.42 -0.45
N ALA A 33 -1.40 -1.74 -1.67
CA ALA A 33 -2.76 -1.41 -2.11
C ALA A 33 -3.75 -1.29 -0.96
N HIS A 34 -4.11 -0.06 -0.62
CA HIS A 34 -5.04 0.21 0.47
C HIS A 34 -5.57 1.67 0.38
N GLY A 35 -5.69 2.37 1.52
CA GLY A 35 -6.19 3.74 1.53
C GLY A 35 -5.60 4.60 0.45
N LEU A 36 -4.55 5.31 0.80
CA LEU A 36 -3.89 6.21 -0.12
C LEU A 36 -2.58 5.60 -0.61
N GLY A 37 -1.51 5.79 0.15
CA GLY A 37 -0.22 5.26 -0.22
C GLY A 37 0.31 5.85 -1.51
N GLU A 38 1.02 6.95 -1.36
CA GLU A 38 1.62 7.62 -2.50
C GLU A 38 3.01 8.11 -2.12
N LEU A 39 3.75 7.28 -1.38
CA LEU A 39 5.11 7.67 -0.96
C LEU A 39 6.08 7.51 -2.13
N ARG A 40 5.65 6.80 -3.15
CA ARG A 40 6.47 6.56 -4.33
C ARG A 40 5.70 6.82 -5.62
N GLN A 41 4.99 7.94 -5.67
CA GLN A 41 4.21 8.32 -6.83
C GLN A 41 4.04 9.83 -6.91
N ALA A 42 3.29 10.37 -5.95
CA ALA A 42 3.02 11.80 -5.89
C ALA A 42 2.17 12.26 -7.07
N ASN A 43 1.63 11.31 -7.83
CA ASN A 43 0.80 11.63 -8.98
C ASN A 43 -0.66 11.79 -8.58
N MET A 4 18.17 -11.84 -11.16
CA MET A 4 16.74 -11.37 -11.19
C MET A 4 16.09 -11.53 -9.81
N THR A 5 15.25 -10.55 -9.45
CA THR A 5 14.54 -10.57 -8.17
C THR A 5 13.50 -9.46 -8.13
N THR A 6 13.96 -8.24 -7.85
CA THR A 6 13.07 -7.09 -7.79
C THR A 6 13.30 -6.14 -8.97
N SER A 7 12.61 -6.40 -10.08
CA SER A 7 12.75 -5.56 -11.27
C SER A 7 11.84 -4.34 -11.22
N SER A 8 11.10 -4.19 -10.13
CA SER A 8 10.18 -3.06 -9.98
C SER A 8 9.64 -2.96 -8.54
N ARG A 9 9.81 -4.03 -7.76
CA ARG A 9 9.34 -4.07 -6.38
C ARG A 9 7.82 -4.10 -6.33
N TYR A 10 7.28 -3.96 -5.13
CA TYR A 10 5.83 -3.99 -4.92
C TYR A 10 5.18 -2.68 -5.32
N LYS A 11 4.00 -2.42 -4.78
CA LYS A 11 3.25 -1.22 -5.12
C LYS A 11 3.83 -0.02 -4.39
N THR A 12 3.06 1.05 -4.37
CA THR A 12 3.46 2.29 -3.73
C THR A 12 2.36 2.80 -2.80
N GLU A 13 1.78 1.88 -2.05
CA GLU A 13 0.71 2.21 -1.14
C GLU A 13 1.07 1.83 0.29
N LEU A 14 0.12 1.97 1.22
CA LEU A 14 0.39 1.66 2.64
C LEU A 14 -0.88 1.38 3.44
N CYS A 15 -0.86 0.29 4.20
CA CYS A 15 -2.00 -0.05 5.03
C CYS A 15 -2.20 1.04 6.10
N ARG A 16 -2.96 2.10 5.77
CA ARG A 16 -3.18 3.21 6.70
C ARG A 16 -4.32 2.92 7.67
N THR A 17 -5.49 3.53 7.43
CA THR A 17 -6.65 3.34 8.28
C THR A 17 -7.14 1.92 8.19
N TYR A 18 -6.79 1.30 7.08
CA TYR A 18 -7.14 -0.06 6.76
C TYR A 18 -6.77 -1.03 7.88
N SER A 19 -5.53 -0.94 8.34
CA SER A 19 -5.01 -1.83 9.39
C SER A 19 -5.88 -1.78 10.64
N GLU A 20 -6.40 -0.60 10.92
CA GLU A 20 -7.26 -0.41 12.09
C GLU A 20 -8.53 -1.24 11.99
N SER A 21 -9.09 -1.29 10.79
CA SER A 21 -10.33 -2.04 10.50
C SER A 21 -11.09 -1.43 9.33
N GLY A 22 -10.44 -0.54 8.58
CA GLY A 22 -11.08 0.12 7.46
C GLY A 22 -11.52 -0.84 6.38
N ARG A 23 -10.64 -1.03 5.42
CA ARG A 23 -10.93 -1.90 4.28
C ARG A 23 -9.95 -3.06 4.16
N CYS A 24 -8.70 -2.69 3.95
CA CYS A 24 -7.61 -3.63 3.76
C CYS A 24 -7.78 -4.31 2.40
N ARG A 25 -7.37 -3.58 1.35
CA ARG A 25 -7.47 -4.04 -0.03
C ARG A 25 -6.81 -5.42 -0.25
N TYR A 26 -6.04 -5.86 0.74
CA TYR A 26 -5.36 -7.16 0.69
C TYR A 26 -5.38 -7.76 2.09
N GLY A 27 -6.58 -7.80 2.68
CA GLY A 27 -6.72 -8.33 4.03
C GLY A 27 -5.84 -9.55 4.31
N ALA A 28 -4.94 -9.39 5.29
CA ALA A 28 -4.02 -10.43 5.70
C ALA A 28 -2.81 -10.55 4.77
N LYS A 29 -2.97 -10.09 3.55
CA LYS A 29 -1.92 -10.15 2.55
C LYS A 29 -1.49 -8.77 2.09
N CYS A 30 -1.90 -7.74 2.80
CA CYS A 30 -1.60 -6.39 2.39
C CYS A 30 -0.18 -5.96 2.68
N GLN A 31 0.44 -5.41 1.65
CA GLN A 31 1.80 -4.89 1.72
C GLN A 31 1.82 -3.45 1.20
N PHE A 32 0.79 -3.08 0.46
CA PHE A 32 0.71 -1.74 -0.10
C PHE A 32 -0.71 -1.35 -0.46
N ALA A 33 -1.15 -1.72 -1.69
CA ALA A 33 -2.49 -1.38 -2.17
C ALA A 33 -3.47 -1.23 -1.02
N HIS A 34 -3.74 0.02 -0.65
CA HIS A 34 -4.64 0.33 0.46
C HIS A 34 -5.01 1.82 0.44
N GLY A 35 -5.40 2.35 1.60
CA GLY A 35 -5.76 3.75 1.75
C GLY A 35 -4.78 4.68 1.06
N LEU A 36 -5.22 5.31 -0.01
CA LEU A 36 -4.39 6.24 -0.74
C LEU A 36 -3.05 5.59 -1.14
N GLY A 37 -2.02 5.73 -0.30
CA GLY A 37 -0.74 5.15 -0.58
C GLY A 37 -0.03 5.73 -1.78
N GLU A 38 0.82 6.70 -1.51
CA GLU A 38 1.58 7.36 -2.56
C GLU A 38 3.03 7.58 -2.10
N LEU A 39 3.62 6.58 -1.47
CA LEU A 39 5.00 6.69 -0.98
C LEU A 39 5.96 7.11 -2.08
N ARG A 40 5.60 6.81 -3.31
CA ARG A 40 6.42 7.17 -4.47
C ARG A 40 5.62 7.99 -5.46
N GLN A 41 4.79 8.90 -4.93
CA GLN A 41 3.96 9.76 -5.73
C GLN A 41 3.52 11.00 -4.94
N ALA A 42 4.47 11.61 -4.25
CA ALA A 42 4.20 12.78 -3.44
C ALA A 42 3.65 13.93 -4.29
N ASN A 43 4.53 14.66 -4.96
CA ASN A 43 4.11 15.78 -5.79
C ASN A 43 3.44 16.87 -4.96
N MET A 4 12.77 7.42 -12.35
CA MET A 4 11.50 7.32 -11.59
C MET A 4 10.61 6.19 -12.11
N THR A 5 11.23 5.04 -12.38
CA THR A 5 10.49 3.89 -12.90
C THR A 5 11.25 2.59 -12.61
N THR A 6 11.22 2.17 -11.35
CA THR A 6 11.91 0.94 -10.94
C THR A 6 11.10 -0.28 -11.34
N SER A 7 11.72 -1.18 -12.11
CA SER A 7 11.05 -2.39 -12.57
C SER A 7 11.56 -3.61 -11.79
N SER A 8 11.20 -3.68 -10.52
CA SER A 8 11.60 -4.78 -9.67
C SER A 8 10.94 -4.72 -8.30
N ARG A 9 11.05 -3.56 -7.66
CA ARG A 9 10.45 -3.36 -6.34
C ARG A 9 8.94 -3.45 -6.42
N TYR A 10 8.31 -3.62 -5.26
CA TYR A 10 6.87 -3.73 -5.18
C TYR A 10 6.20 -2.38 -5.39
N LYS A 11 4.93 -2.30 -5.00
CA LYS A 11 4.16 -1.08 -5.17
C LYS A 11 4.66 0.03 -4.25
N THR A 12 3.85 1.08 -4.15
CA THR A 12 4.19 2.24 -3.33
C THR A 12 3.11 2.53 -2.28
N GLU A 13 2.10 1.66 -2.20
CA GLU A 13 1.00 1.88 -1.29
C GLU A 13 1.28 1.29 0.10
N LEU A 14 0.30 1.47 1.01
CA LEU A 14 0.44 0.96 2.38
C LEU A 14 -0.92 0.83 3.07
N CYS A 15 -0.92 0.11 4.17
CA CYS A 15 -2.12 -0.12 4.96
C CYS A 15 -2.29 1.04 5.96
N ARG A 16 -2.82 2.18 5.50
CA ARG A 16 -2.98 3.35 6.33
C ARG A 16 -4.14 3.21 7.32
N THR A 17 -5.27 3.84 7.01
CA THR A 17 -6.44 3.78 7.88
C THR A 17 -6.99 2.37 7.92
N TYR A 18 -6.61 1.58 6.93
CA TYR A 18 -7.03 0.21 6.78
C TYR A 18 -6.58 -0.64 7.97
N SER A 19 -5.33 -0.47 8.35
CA SER A 19 -4.74 -1.22 9.47
C SER A 19 -5.60 -1.16 10.74
N GLU A 20 -6.55 -0.24 10.76
CA GLU A 20 -7.44 -0.09 11.90
C GLU A 20 -8.76 -0.83 11.65
N SER A 21 -8.64 -1.93 10.91
CA SER A 21 -9.78 -2.77 10.57
C SER A 21 -10.73 -2.08 9.58
N GLY A 22 -10.25 -1.03 8.93
CA GLY A 22 -11.08 -0.31 7.99
C GLY A 22 -11.54 -1.17 6.84
N ARG A 23 -10.76 -1.19 5.78
CA ARG A 23 -11.08 -1.95 4.58
C ARG A 23 -10.12 -3.10 4.36
N CYS A 24 -8.87 -2.73 4.21
CA CYS A 24 -7.81 -3.70 3.95
C CYS A 24 -8.07 -4.37 2.61
N ARG A 25 -7.76 -3.64 1.54
CA ARG A 25 -7.99 -4.11 0.17
C ARG A 25 -7.44 -5.52 -0.06
N TYR A 26 -6.48 -5.91 0.76
CA TYR A 26 -5.88 -7.24 0.70
C TYR A 26 -5.71 -7.76 2.12
N GLY A 27 -6.79 -7.66 2.91
CA GLY A 27 -6.76 -8.11 4.29
C GLY A 27 -5.95 -9.37 4.53
N ALA A 28 -5.00 -9.28 5.46
CA ALA A 28 -4.11 -10.37 5.83
C ALA A 28 -3.02 -10.58 4.80
N LYS A 29 -3.26 -10.14 3.57
CA LYS A 29 -2.31 -10.26 2.50
C LYS A 29 -1.86 -8.90 1.99
N CYS A 30 -2.32 -7.85 2.64
CA CYS A 30 -1.99 -6.51 2.21
C CYS A 30 -0.54 -6.14 2.44
N GLN A 31 0.10 -5.74 1.37
CA GLN A 31 1.48 -5.34 1.37
C GLN A 31 1.60 -3.89 0.93
N PHE A 32 0.56 -3.40 0.26
CA PHE A 32 0.55 -2.04 -0.23
C PHE A 32 -0.86 -1.51 -0.50
N ALA A 33 -1.41 -1.90 -1.65
CA ALA A 33 -2.72 -1.45 -2.11
C ALA A 33 -3.73 -1.31 -0.97
N HIS A 34 -4.11 -0.06 -0.66
CA HIS A 34 -5.09 0.23 0.39
C HIS A 34 -5.60 1.70 0.30
N GLY A 35 -5.41 2.50 1.37
CA GLY A 35 -5.88 3.88 1.38
C GLY A 35 -5.33 4.70 0.24
N LEU A 36 -4.34 5.53 0.54
CA LEU A 36 -3.71 6.39 -0.46
C LEU A 36 -2.48 5.72 -1.04
N GLY A 37 -1.56 5.32 -0.17
CA GLY A 37 -0.36 4.65 -0.59
C GLY A 37 0.42 5.41 -1.63
N GLU A 38 0.24 6.71 -1.64
CA GLU A 38 0.94 7.56 -2.59
C GLU A 38 2.33 7.93 -2.08
N LEU A 39 3.02 6.99 -1.42
CA LEU A 39 4.38 7.23 -0.92
C LEU A 39 5.23 7.95 -1.95
N ARG A 40 5.46 7.24 -3.02
CA ARG A 40 6.27 7.71 -4.14
C ARG A 40 5.43 8.52 -5.14
N GLN A 41 4.47 9.29 -4.62
CA GLN A 41 3.62 10.11 -5.46
C GLN A 41 3.01 11.25 -4.65
N ALA A 42 3.84 12.22 -4.26
CA ALA A 42 3.38 13.36 -3.48
C ALA A 42 2.38 14.20 -4.26
N ASN A 43 2.20 13.91 -5.55
CA ASN A 43 1.27 14.67 -6.38
C ASN A 43 1.57 16.16 -6.32
N MET A 4 15.87 -9.28 -11.48
CA MET A 4 17.13 -8.70 -12.04
C MET A 4 17.81 -7.78 -11.03
N THR A 5 17.02 -6.91 -10.41
CA THR A 5 17.55 -5.98 -9.42
C THR A 5 16.77 -6.07 -8.12
N THR A 6 15.52 -5.62 -8.16
CA THR A 6 14.66 -5.65 -6.99
C THR A 6 13.33 -6.32 -7.32
N SER A 7 13.37 -7.28 -8.24
CA SER A 7 12.18 -8.01 -8.65
C SER A 7 11.05 -7.08 -9.09
N SER A 8 11.40 -5.85 -9.49
CA SER A 8 10.41 -4.86 -9.92
C SER A 8 9.71 -4.21 -8.73
N ARG A 9 9.80 -4.83 -7.55
CA ARG A 9 9.17 -4.30 -6.35
C ARG A 9 7.66 -4.35 -6.44
N TYR A 10 7.02 -4.19 -5.30
CA TYR A 10 5.57 -4.21 -5.19
C TYR A 10 4.99 -2.83 -5.49
N LYS A 11 3.75 -2.61 -5.07
CA LYS A 11 3.07 -1.36 -5.30
C LYS A 11 3.68 -0.21 -4.53
N THR A 12 2.97 0.91 -4.49
CA THR A 12 3.44 2.12 -3.80
C THR A 12 2.50 2.56 -2.67
N GLU A 13 1.39 1.85 -2.50
CA GLU A 13 0.43 2.22 -1.49
C GLU A 13 0.83 1.75 -0.09
N LEU A 14 -0.11 1.85 0.86
CA LEU A 14 0.15 1.46 2.24
C LEU A 14 -1.14 1.33 3.06
N CYS A 15 -1.09 0.47 4.08
CA CYS A 15 -2.21 0.24 4.96
C CYS A 15 -2.43 1.48 5.84
N ARG A 16 -3.15 2.48 5.31
CA ARG A 16 -3.38 3.72 6.04
C ARG A 16 -4.47 3.56 7.11
N THR A 17 -5.68 4.04 6.79
CA THR A 17 -6.80 3.95 7.73
C THR A 17 -7.25 2.50 7.87
N TYR A 18 -6.93 1.72 6.85
CA TYR A 18 -7.27 0.32 6.78
C TYR A 18 -6.75 -0.45 7.99
N SER A 19 -5.50 -0.16 8.35
CA SER A 19 -4.83 -0.81 9.48
C SER A 19 -5.72 -0.87 10.73
N GLU A 20 -6.79 -0.11 10.73
CA GLU A 20 -7.71 -0.10 11.86
C GLU A 20 -8.85 -1.08 11.65
N SER A 21 -8.52 -2.14 10.93
CA SER A 21 -9.48 -3.20 10.62
C SER A 21 -10.54 -2.73 9.64
N GLY A 22 -10.27 -1.64 8.94
CA GLY A 22 -11.22 -1.10 7.99
C GLY A 22 -11.55 -2.04 6.85
N ARG A 23 -10.78 -1.92 5.78
CA ARG A 23 -10.98 -2.73 4.58
C ARG A 23 -9.83 -3.68 4.34
N CYS A 24 -8.68 -3.09 4.18
CA CYS A 24 -7.46 -3.83 3.88
C CYS A 24 -7.61 -4.46 2.50
N ARG A 25 -7.30 -3.67 1.48
CA ARG A 25 -7.43 -4.09 0.08
C ARG A 25 -6.76 -5.45 -0.19
N TYR A 26 -5.88 -5.86 0.72
CA TYR A 26 -5.19 -7.14 0.65
C TYR A 26 -5.19 -7.77 2.04
N GLY A 27 -6.37 -7.84 2.65
CA GLY A 27 -6.50 -8.39 3.99
C GLY A 27 -5.61 -9.59 4.27
N ALA A 28 -4.75 -9.44 5.27
CA ALA A 28 -3.81 -10.49 5.68
C ALA A 28 -2.63 -10.60 4.72
N LYS A 29 -2.80 -10.06 3.52
CA LYS A 29 -1.79 -10.11 2.50
C LYS A 29 -1.44 -8.72 2.00
N CYS A 30 -1.76 -7.70 2.78
CA CYS A 30 -1.51 -6.33 2.35
C CYS A 30 -0.08 -5.88 2.56
N GLN A 31 0.54 -5.49 1.45
CA GLN A 31 1.89 -4.98 1.43
C GLN A 31 1.88 -3.52 0.98
N PHE A 32 0.78 -3.14 0.34
CA PHE A 32 0.57 -1.80 -0.15
C PHE A 32 -0.94 -1.54 -0.31
N ALA A 33 -1.36 -1.06 -1.47
CA ALA A 33 -2.77 -0.79 -1.73
C ALA A 33 -3.42 -0.07 -0.56
N HIS A 34 -4.74 -0.19 -0.48
CA HIS A 34 -5.54 0.44 0.56
C HIS A 34 -5.78 1.94 0.26
N GLY A 35 -5.89 2.76 1.32
CA GLY A 35 -6.11 4.19 1.19
C GLY A 35 -4.99 4.93 0.50
N LEU A 36 -4.97 6.24 0.69
CA LEU A 36 -3.95 7.10 0.11
C LEU A 36 -2.55 6.65 0.47
N GLY A 37 -1.81 6.27 -0.55
CA GLY A 37 -0.44 5.86 -0.38
C GLY A 37 0.49 6.63 -1.30
N GLU A 38 0.98 5.98 -2.34
CA GLU A 38 1.87 6.62 -3.30
C GLU A 38 3.17 7.12 -2.67
N LEU A 39 3.42 6.75 -1.42
CA LEU A 39 4.64 7.17 -0.72
C LEU A 39 5.84 7.19 -1.61
N ARG A 40 6.20 6.02 -2.09
CA ARG A 40 7.36 5.87 -2.97
C ARG A 40 7.04 6.27 -4.41
N GLN A 41 6.05 7.13 -4.60
CA GLN A 41 5.66 7.58 -5.93
C GLN A 41 4.97 8.94 -5.83
N ALA A 42 5.75 9.97 -5.51
CA ALA A 42 5.22 11.33 -5.38
C ALA A 42 4.20 11.64 -6.48
N ASN A 43 3.17 12.40 -6.12
CA ASN A 43 2.13 12.78 -7.05
C ASN A 43 2.60 13.91 -7.96
N MET A 4 19.98 -9.61 -2.89
CA MET A 4 19.48 -9.84 -4.26
C MET A 4 19.21 -8.52 -4.98
N THR A 5 19.38 -8.52 -6.30
CA THR A 5 19.16 -7.33 -7.11
C THR A 5 17.68 -7.16 -7.44
N THR A 6 17.15 -5.98 -7.19
CA THR A 6 15.74 -5.69 -7.46
C THR A 6 15.53 -5.26 -8.91
N SER A 7 14.37 -5.62 -9.46
CA SER A 7 14.04 -5.27 -10.83
C SER A 7 12.53 -5.34 -11.05
N SER A 8 11.78 -4.79 -10.10
CA SER A 8 10.32 -4.81 -10.18
C SER A 8 9.71 -4.03 -9.02
N ARG A 9 9.94 -4.53 -7.80
CA ARG A 9 9.43 -3.89 -6.60
C ARG A 9 7.91 -3.98 -6.55
N TYR A 10 7.37 -3.86 -5.34
CA TYR A 10 5.94 -3.93 -5.13
C TYR A 10 5.30 -2.59 -5.43
N LYS A 11 4.10 -2.38 -4.93
CA LYS A 11 3.37 -1.17 -5.17
C LYS A 11 3.98 -0.01 -4.39
N THR A 12 3.23 1.09 -4.34
CA THR A 12 3.67 2.28 -3.62
C THR A 12 2.62 2.75 -2.63
N GLU A 13 1.70 1.86 -2.26
CA GLU A 13 0.65 2.22 -1.35
C GLU A 13 0.94 1.73 0.08
N LEU A 14 -0.06 1.82 0.96
CA LEU A 14 0.13 1.43 2.35
C LEU A 14 -1.18 1.23 3.09
N CYS A 15 -1.12 0.43 4.15
CA CYS A 15 -2.26 0.14 5.00
C CYS A 15 -2.52 1.34 5.92
N ARG A 16 -3.32 2.32 5.45
CA ARG A 16 -3.60 3.51 6.25
C ARG A 16 -4.58 3.23 7.39
N THR A 17 -5.83 3.67 7.21
CA THR A 17 -6.89 3.49 8.20
C THR A 17 -7.36 2.04 8.23
N TYR A 18 -7.03 1.35 7.16
CA TYR A 18 -7.39 -0.03 6.95
C TYR A 18 -6.90 -0.93 8.09
N SER A 19 -5.68 -0.68 8.54
CA SER A 19 -5.06 -1.46 9.59
C SER A 19 -5.86 -1.42 10.88
N GLU A 20 -6.62 -0.36 11.04
CA GLU A 20 -7.46 -0.20 12.22
C GLU A 20 -8.56 -1.25 12.25
N SER A 21 -9.17 -1.45 11.09
CA SER A 21 -10.26 -2.43 10.90
C SER A 21 -11.20 -2.02 9.76
N GLY A 22 -10.72 -1.14 8.88
CA GLY A 22 -11.54 -0.69 7.78
C GLY A 22 -11.81 -1.75 6.74
N ARG A 23 -11.01 -1.75 5.70
CA ARG A 23 -11.17 -2.69 4.59
C ARG A 23 -10.00 -3.64 4.46
N CYS A 24 -8.84 -3.05 4.28
CA CYS A 24 -7.60 -3.76 4.06
C CYS A 24 -7.68 -4.42 2.69
N ARG A 25 -7.38 -3.63 1.65
CA ARG A 25 -7.45 -4.08 0.27
C ARG A 25 -6.80 -5.45 0.05
N TYR A 26 -5.91 -5.81 0.97
CA TYR A 26 -5.22 -7.10 0.98
C TYR A 26 -5.15 -7.55 2.45
N GLY A 27 -6.31 -7.60 3.10
CA GLY A 27 -6.39 -7.95 4.53
C GLY A 27 -5.43 -9.02 4.99
N ALA A 28 -5.06 -9.95 4.13
CA ALA A 28 -4.12 -11.00 4.52
C ALA A 28 -2.80 -10.87 3.75
N LYS A 29 -2.82 -10.04 2.71
CA LYS A 29 -1.67 -9.84 1.88
C LYS A 29 -1.36 -8.38 1.65
N CYS A 30 -1.67 -7.53 2.61
CA CYS A 30 -1.46 -6.10 2.40
C CYS A 30 -0.05 -5.62 2.72
N GLN A 31 0.67 -5.30 1.66
CA GLN A 31 2.02 -4.75 1.75
C GLN A 31 1.97 -3.30 1.25
N PHE A 32 0.87 -2.98 0.57
CA PHE A 32 0.65 -1.67 0.00
C PHE A 32 -0.86 -1.47 -0.19
N ALA A 33 -1.27 -0.97 -1.36
CA ALA A 33 -2.68 -0.73 -1.64
C ALA A 33 -3.34 -0.03 -0.46
N HIS A 34 -4.64 -0.18 -0.35
CA HIS A 34 -5.42 0.43 0.73
C HIS A 34 -5.65 1.94 0.50
N GLY A 35 -6.08 2.63 1.57
CA GLY A 35 -6.33 4.06 1.51
C GLY A 35 -5.12 4.86 1.14
N LEU A 36 -5.13 5.40 -0.08
CA LEU A 36 -4.04 6.22 -0.57
C LEU A 36 -2.70 5.52 -0.41
N GLY A 37 -1.73 6.00 -1.15
CA GLY A 37 -0.40 5.43 -1.08
C GLY A 37 0.44 5.80 -2.27
N GLU A 38 1.26 6.81 -2.08
CA GLU A 38 2.15 7.27 -3.14
C GLU A 38 3.50 7.64 -2.55
N LEU A 39 4.00 6.80 -1.64
CA LEU A 39 5.30 7.03 -1.00
C LEU A 39 6.44 6.82 -2.00
N ARG A 40 6.11 6.24 -3.14
CA ARG A 40 7.10 5.97 -4.18
C ARG A 40 6.60 6.44 -5.54
N GLN A 41 5.76 7.49 -5.54
CA GLN A 41 5.21 8.03 -6.76
C GLN A 41 4.86 9.51 -6.60
N ALA A 42 3.98 9.78 -5.64
CA ALA A 42 3.51 11.13 -5.38
C ALA A 42 2.82 11.71 -6.60
N ASN A 43 1.50 11.94 -6.49
CA ASN A 43 0.72 12.50 -7.59
C ASN A 43 0.88 14.02 -7.66
N MET A 4 9.13 2.44 -14.26
CA MET A 4 7.91 1.58 -14.26
C MET A 4 8.28 0.09 -14.19
N THR A 5 9.36 -0.29 -14.84
CA THR A 5 9.80 -1.67 -14.84
C THR A 5 10.20 -2.11 -13.44
N THR A 6 9.59 -3.19 -12.93
CA THR A 6 9.93 -3.67 -11.59
C THR A 6 10.08 -5.19 -11.57
N SER A 7 8.98 -5.92 -11.75
CA SER A 7 9.02 -7.38 -11.74
C SER A 7 9.68 -7.92 -10.46
N SER A 8 9.80 -7.07 -9.44
CA SER A 8 10.41 -7.48 -8.17
C SER A 8 9.85 -6.68 -7.00
N ARG A 9 9.82 -5.36 -7.16
CA ARG A 9 9.31 -4.48 -6.11
C ARG A 9 7.79 -4.44 -6.16
N TYR A 10 7.19 -4.21 -5.02
CA TYR A 10 5.74 -4.16 -4.91
C TYR A 10 5.20 -2.77 -5.24
N LYS A 11 3.97 -2.52 -4.85
CA LYS A 11 3.33 -1.25 -5.13
C LYS A 11 3.99 -0.12 -4.34
N THR A 12 3.27 0.99 -4.24
CA THR A 12 3.75 2.16 -3.54
C THR A 12 2.75 2.64 -2.49
N GLU A 13 1.64 1.94 -2.34
CA GLU A 13 0.63 2.32 -1.38
C GLU A 13 0.97 1.83 0.04
N LEU A 14 0.02 1.92 0.96
CA LEU A 14 0.25 1.50 2.36
C LEU A 14 -1.05 1.28 3.14
N CYS A 15 -0.98 0.45 4.16
CA CYS A 15 -2.15 0.16 5.00
C CYS A 15 -2.39 1.32 5.97
N ARG A 16 -3.12 2.36 5.51
CA ARG A 16 -3.38 3.53 6.32
C ARG A 16 -4.37 3.26 7.46
N THR A 17 -5.61 3.68 7.27
CA THR A 17 -6.66 3.50 8.27
C THR A 17 -7.14 2.06 8.26
N TYR A 18 -6.93 1.42 7.13
CA TYR A 18 -7.30 0.05 6.90
C TYR A 18 -6.86 -0.84 8.05
N SER A 19 -5.58 -0.74 8.41
CA SER A 19 -4.99 -1.53 9.50
C SER A 19 -5.86 -1.55 10.76
N GLU A 20 -6.85 -0.67 10.83
CA GLU A 20 -7.74 -0.61 11.98
C GLU A 20 -9.02 -1.36 11.69
N SER A 21 -8.88 -2.43 10.94
CA SER A 21 -10.00 -3.28 10.56
C SER A 21 -10.95 -2.56 9.59
N GLY A 22 -10.47 -1.48 9.00
CA GLY A 22 -11.29 -0.73 8.07
C GLY A 22 -11.68 -1.53 6.85
N ARG A 23 -10.85 -1.43 5.83
CA ARG A 23 -11.07 -2.12 4.56
C ARG A 23 -10.03 -3.21 4.33
N CYS A 24 -8.81 -2.77 4.17
CA CYS A 24 -7.68 -3.66 3.91
C CYS A 24 -7.87 -4.31 2.54
N ARG A 25 -7.51 -3.56 1.50
CA ARG A 25 -7.64 -4.01 0.11
C ARG A 25 -6.92 -5.34 -0.14
N TYR A 26 -6.08 -5.75 0.80
CA TYR A 26 -5.35 -7.01 0.71
C TYR A 26 -5.33 -7.65 2.10
N GLY A 27 -6.51 -7.80 2.68
CA GLY A 27 -6.62 -8.36 4.01
C GLY A 27 -5.67 -9.53 4.28
N ALA A 28 -4.78 -9.32 5.25
CA ALA A 28 -3.78 -10.32 5.65
C ALA A 28 -2.59 -10.38 4.70
N LYS A 29 -2.76 -9.85 3.50
CA LYS A 29 -1.73 -9.85 2.50
C LYS A 29 -1.36 -8.43 2.06
N CYS A 30 -1.86 -7.43 2.78
CA CYS A 30 -1.62 -6.05 2.40
C CYS A 30 -0.22 -5.56 2.69
N GLN A 31 0.36 -4.96 1.68
CA GLN A 31 1.67 -4.37 1.75
C GLN A 31 1.66 -2.96 1.16
N PHE A 32 0.59 -2.65 0.43
CA PHE A 32 0.46 -1.35 -0.20
C PHE A 32 -0.97 -0.98 -0.54
N ALA A 33 -1.48 -1.50 -1.67
CA ALA A 33 -2.83 -1.18 -2.13
C ALA A 33 -3.80 -1.06 -0.96
N HIS A 34 -4.12 0.17 -0.59
CA HIS A 34 -5.01 0.46 0.52
C HIS A 34 -5.44 1.93 0.45
N GLY A 35 -5.82 2.51 1.60
CA GLY A 35 -6.22 3.90 1.65
C GLY A 35 -5.11 4.82 1.25
N LEU A 36 -5.12 5.25 0.01
CA LEU A 36 -4.10 6.13 -0.48
C LEU A 36 -2.74 5.47 -0.34
N GLY A 37 -1.77 6.02 -1.03
CA GLY A 37 -0.45 5.48 -0.96
C GLY A 37 0.41 5.87 -2.14
N GLU A 38 1.26 6.84 -1.92
CA GLU A 38 2.16 7.31 -2.96
C GLU A 38 3.55 7.52 -2.39
N LEU A 39 4.03 6.53 -1.63
CA LEU A 39 5.36 6.61 -1.01
C LEU A 39 6.45 6.81 -2.07
N ARG A 40 6.13 6.48 -3.30
CA ARG A 40 7.07 6.62 -4.42
C ARG A 40 6.38 7.26 -5.61
N GLN A 41 5.58 8.30 -5.34
CA GLN A 41 4.87 9.01 -6.37
C GLN A 41 4.50 10.42 -5.92
N ALA A 42 3.91 10.54 -4.73
CA ALA A 42 3.50 11.82 -4.19
C ALA A 42 2.68 11.66 -2.92
N ASN A 43 3.37 11.52 -1.78
CA ASN A 43 2.70 11.34 -0.50
C ASN A 43 2.48 12.69 0.19
N MET A 4 20.69 4.14 -3.23
CA MET A 4 21.06 2.88 -3.93
C MET A 4 19.90 2.32 -4.75
N THR A 5 20.23 1.64 -5.84
CA THR A 5 19.22 1.07 -6.72
C THR A 5 18.48 -0.08 -6.03
N THR A 6 17.27 -0.37 -6.51
CA THR A 6 16.47 -1.45 -5.93
C THR A 6 16.11 -2.53 -6.96
N SER A 7 16.46 -2.30 -8.21
CA SER A 7 16.16 -3.25 -9.29
C SER A 7 14.69 -3.22 -9.66
N SER A 8 13.84 -3.67 -8.74
CA SER A 8 12.39 -3.69 -8.98
C SER A 8 11.63 -3.66 -7.65
N ARG A 9 11.34 -2.45 -7.17
CA ARG A 9 10.62 -2.30 -5.92
C ARG A 9 9.14 -2.68 -6.06
N TYR A 10 8.50 -2.92 -4.93
CA TYR A 10 7.10 -3.30 -4.89
C TYR A 10 6.19 -2.12 -5.22
N LYS A 11 4.92 -2.25 -4.88
CA LYS A 11 3.92 -1.24 -5.15
C LYS A 11 4.27 0.11 -4.53
N THR A 12 3.26 0.97 -4.44
CA THR A 12 3.43 2.32 -3.90
C THR A 12 2.36 2.68 -2.88
N GLU A 13 1.77 1.68 -2.23
CA GLU A 13 0.72 1.92 -1.27
C GLU A 13 1.10 1.43 0.13
N LEU A 14 0.23 1.65 1.11
CA LEU A 14 0.50 1.27 2.51
C LEU A 14 -0.78 1.15 3.34
N CYS A 15 -0.81 0.16 4.22
CA CYS A 15 -1.96 -0.06 5.09
C CYS A 15 -2.07 1.07 6.12
N ARG A 16 -2.67 2.20 5.70
CA ARG A 16 -2.83 3.35 6.56
C ARG A 16 -3.94 3.15 7.60
N THR A 17 -5.11 3.70 7.32
CA THR A 17 -6.26 3.58 8.20
C THR A 17 -6.82 2.17 8.14
N TYR A 18 -6.55 1.52 7.01
CA TYR A 18 -6.98 0.18 6.72
C TYR A 18 -6.63 -0.78 7.87
N SER A 19 -5.40 -0.69 8.34
CA SER A 19 -4.90 -1.55 9.42
C SER A 19 -5.86 -1.59 10.62
N GLU A 20 -6.74 -0.61 10.70
CA GLU A 20 -7.71 -0.55 11.79
C GLU A 20 -9.05 -1.08 11.35
N SER A 21 -9.00 -2.06 10.46
CA SER A 21 -10.20 -2.70 9.94
C SER A 21 -10.98 -1.75 9.03
N GLY A 22 -10.34 -0.69 8.58
CA GLY A 22 -10.99 0.28 7.73
C GLY A 22 -11.33 -0.25 6.35
N ARG A 23 -10.66 -1.32 5.95
CA ARG A 23 -10.89 -1.92 4.64
C ARG A 23 -9.93 -3.07 4.36
N CYS A 24 -8.68 -2.70 4.18
CA CYS A 24 -7.62 -3.65 3.88
C CYS A 24 -7.88 -4.30 2.52
N ARG A 25 -7.50 -3.57 1.46
CA ARG A 25 -7.69 -4.03 0.08
C ARG A 25 -7.16 -5.46 -0.13
N TYR A 26 -6.30 -5.91 0.77
CA TYR A 26 -5.75 -7.26 0.74
C TYR A 26 -5.60 -7.76 2.18
N GLY A 27 -6.63 -7.52 2.98
CA GLY A 27 -6.60 -7.93 4.39
C GLY A 27 -5.92 -9.26 4.62
N ALA A 28 -5.06 -9.29 5.64
CA ALA A 28 -4.30 -10.49 5.98
C ALA A 28 -3.20 -10.77 4.97
N LYS A 29 -3.40 -10.28 3.76
CA LYS A 29 -2.46 -10.48 2.69
C LYS A 29 -1.96 -9.16 2.14
N CYS A 30 -2.26 -8.07 2.84
CA CYS A 30 -1.89 -6.75 2.35
C CYS A 30 -0.44 -6.37 2.60
N GLN A 31 0.26 -6.14 1.50
CA GLN A 31 1.62 -5.68 1.51
C GLN A 31 1.66 -4.23 1.01
N PHE A 32 0.63 -3.90 0.23
CA PHE A 32 0.44 -2.57 -0.34
C PHE A 32 -1.01 -2.41 -0.75
N ALA A 33 -1.28 -1.58 -1.78
CA ALA A 33 -2.64 -1.36 -2.27
C ALA A 33 -3.61 -1.24 -1.10
N HIS A 34 -3.87 0.00 -0.69
CA HIS A 34 -4.75 0.26 0.45
C HIS A 34 -5.16 1.77 0.46
N GLY A 35 -5.27 2.38 1.65
CA GLY A 35 -5.63 3.76 1.78
C GLY A 35 -4.61 4.70 1.18
N LEU A 36 -5.04 5.46 0.19
CA LEU A 36 -4.18 6.43 -0.48
C LEU A 36 -2.82 5.82 -0.82
N GLY A 37 -1.84 5.96 0.09
CA GLY A 37 -0.52 5.42 -0.15
C GLY A 37 0.05 5.86 -1.48
N GLU A 38 0.53 7.08 -1.50
CA GLU A 38 1.13 7.66 -2.69
C GLU A 38 2.49 8.26 -2.34
N LEU A 39 3.26 7.53 -1.55
CA LEU A 39 4.58 7.99 -1.11
C LEU A 39 5.61 7.86 -2.23
N ARG A 40 5.25 7.12 -3.27
CA ARG A 40 6.13 6.90 -4.41
C ARG A 40 5.40 7.17 -5.72
N GLN A 41 4.36 7.99 -5.65
CA GLN A 41 3.57 8.34 -6.80
C GLN A 41 3.05 9.76 -6.72
N ALA A 42 2.52 10.13 -5.55
CA ALA A 42 1.98 11.46 -5.33
C ALA A 42 0.79 11.71 -6.25
N ASN A 43 0.02 12.75 -5.95
CA ASN A 43 -1.16 13.09 -6.75
C ASN A 43 -0.75 13.54 -8.15
N MET A 4 9.32 6.32 -15.94
CA MET A 4 8.54 6.04 -14.71
C MET A 4 8.89 4.67 -14.13
N THR A 5 10.01 4.11 -14.57
CA THR A 5 10.46 2.80 -14.08
C THR A 5 10.94 2.89 -12.64
N THR A 6 10.99 1.76 -11.96
CA THR A 6 11.43 1.72 -10.57
C THR A 6 12.34 0.52 -10.32
N SER A 7 12.97 0.03 -11.39
CA SER A 7 13.88 -1.12 -11.30
C SER A 7 13.09 -2.40 -11.04
N SER A 8 12.76 -2.67 -9.79
CA SER A 8 12.01 -3.86 -9.43
C SER A 8 11.39 -3.72 -8.05
N ARG A 9 10.97 -2.51 -7.71
CA ARG A 9 10.35 -2.24 -6.41
C ARG A 9 8.87 -2.57 -6.45
N TYR A 10 8.30 -2.81 -5.27
CA TYR A 10 6.90 -3.13 -5.14
C TYR A 10 6.01 -1.92 -5.43
N LYS A 11 4.76 -2.01 -5.02
CA LYS A 11 3.77 -0.96 -5.25
C LYS A 11 4.16 0.35 -4.58
N THR A 12 3.19 1.25 -4.47
CA THR A 12 3.41 2.55 -3.87
C THR A 12 2.30 2.91 -2.88
N GLU A 13 1.80 1.92 -2.16
CA GLU A 13 0.73 2.14 -1.22
C GLU A 13 1.08 1.58 0.17
N LEU A 14 0.12 1.64 1.09
CA LEU A 14 0.34 1.18 2.46
C LEU A 14 -0.96 1.09 3.26
N CYS A 15 -1.01 0.13 4.17
CA CYS A 15 -2.17 -0.08 5.01
C CYS A 15 -2.30 1.09 6.01
N ARG A 16 -2.82 2.23 5.53
CA ARG A 16 -2.97 3.41 6.37
C ARG A 16 -4.04 3.20 7.45
N THR A 17 -5.26 3.66 7.17
CA THR A 17 -6.37 3.53 8.11
C THR A 17 -6.92 2.11 8.09
N TYR A 18 -6.65 1.44 6.99
CA TYR A 18 -7.08 0.09 6.74
C TYR A 18 -6.74 -0.86 7.88
N SER A 19 -5.52 -0.73 8.41
CA SER A 19 -5.05 -1.59 9.49
C SER A 19 -5.96 -1.54 10.70
N GLU A 20 -6.48 -0.37 10.99
CA GLU A 20 -7.38 -0.19 12.13
C GLU A 20 -8.57 -1.12 12.00
N SER A 21 -9.17 -1.13 10.81
CA SER A 21 -10.33 -1.97 10.50
C SER A 21 -11.12 -1.37 9.33
N GLY A 22 -10.43 -0.69 8.43
CA GLY A 22 -11.08 -0.08 7.30
C GLY A 22 -11.56 -1.09 6.28
N ARG A 23 -10.76 -1.29 5.26
CA ARG A 23 -11.09 -2.22 4.19
C ARG A 23 -10.06 -3.31 4.06
N CYS A 24 -8.84 -2.88 3.97
CA CYS A 24 -7.71 -3.79 3.78
C CYS A 24 -7.88 -4.51 2.44
N ARG A 25 -7.58 -3.78 1.36
CA ARG A 25 -7.74 -4.28 0.00
C ARG A 25 -7.14 -5.68 -0.17
N TYR A 26 -6.22 -6.03 0.72
CA TYR A 26 -5.58 -7.35 0.73
C TYR A 26 -5.44 -7.83 2.17
N GLY A 27 -6.49 -7.63 2.97
CA GLY A 27 -6.47 -8.02 4.37
C GLY A 27 -5.75 -9.32 4.63
N ALA A 28 -4.78 -9.26 5.55
CA ALA A 28 -3.98 -10.41 5.94
C ALA A 28 -2.77 -10.58 5.03
N LYS A 29 -2.95 -10.27 3.77
CA LYS A 29 -1.92 -10.39 2.79
C LYS A 29 -1.52 -9.03 2.24
N CYS A 30 -2.05 -7.98 2.86
CA CYS A 30 -1.79 -6.64 2.38
C CYS A 30 -0.38 -6.14 2.64
N GLN A 31 0.32 -5.91 1.55
CA GLN A 31 1.66 -5.38 1.56
C GLN A 31 1.60 -3.94 1.05
N PHE A 32 0.54 -3.66 0.30
CA PHE A 32 0.31 -2.36 -0.29
C PHE A 32 -1.17 -2.23 -0.66
N ALA A 33 -1.47 -1.32 -1.60
CA ALA A 33 -2.83 -1.11 -2.08
C ALA A 33 -3.85 -1.11 -0.95
N HIS A 34 -4.29 0.09 -0.57
CA HIS A 34 -5.28 0.25 0.49
C HIS A 34 -5.85 1.70 0.44
N GLY A 35 -5.54 2.51 1.47
CA GLY A 35 -6.01 3.87 1.55
C GLY A 35 -5.36 4.76 0.50
N LEU A 36 -4.67 5.79 0.96
CA LEU A 36 -3.98 6.70 0.07
C LEU A 36 -2.79 5.99 -0.58
N GLY A 37 -1.74 5.79 0.20
CA GLY A 37 -0.55 5.11 -0.28
C GLY A 37 0.08 5.81 -1.46
N GLU A 38 1.02 6.69 -1.16
CA GLU A 38 1.74 7.44 -2.18
C GLU A 38 3.24 7.43 -1.89
N LEU A 39 3.77 6.27 -1.56
CA LEU A 39 5.21 6.15 -1.25
C LEU A 39 6.08 6.67 -2.38
N ARG A 40 5.52 6.76 -3.58
CA ARG A 40 6.24 7.25 -4.75
C ARG A 40 5.35 8.11 -5.63
N GLN A 41 4.31 8.69 -5.02
CA GLN A 41 3.39 9.55 -5.74
C GLN A 41 2.92 10.71 -4.86
N ALA A 42 3.57 10.90 -3.72
CA ALA A 42 3.22 11.97 -2.81
C ALA A 42 3.93 13.28 -3.15
N ASN A 43 4.09 13.55 -4.44
CA ASN A 43 4.75 14.77 -4.89
C ASN A 43 4.60 14.93 -6.39
N MET A 4 6.76 -2.74 -16.87
CA MET A 4 7.48 -1.45 -16.98
C MET A 4 7.49 -0.71 -15.65
N THR A 5 8.03 0.50 -15.66
CA THR A 5 8.09 1.34 -14.45
C THR A 5 9.15 0.81 -13.48
N THR A 6 8.93 -0.40 -12.97
CA THR A 6 9.87 -1.00 -12.02
C THR A 6 10.23 -2.43 -12.45
N SER A 7 9.21 -3.25 -12.68
CA SER A 7 9.41 -4.63 -13.09
C SER A 7 10.23 -5.41 -12.06
N SER A 8 10.21 -4.95 -10.81
CA SER A 8 10.96 -5.61 -9.75
C SER A 8 10.34 -5.36 -8.38
N ARG A 9 10.36 -4.10 -7.95
CA ARG A 9 9.82 -3.72 -6.66
C ARG A 9 8.30 -3.78 -6.67
N TYR A 10 7.72 -3.89 -5.48
CA TYR A 10 6.29 -3.97 -5.33
C TYR A 10 5.63 -2.60 -5.55
N LYS A 11 4.39 -2.48 -5.12
CA LYS A 11 3.63 -1.26 -5.27
C LYS A 11 4.23 -0.13 -4.43
N THR A 12 3.46 0.93 -4.27
CA THR A 12 3.88 2.10 -3.50
C THR A 12 2.85 2.50 -2.45
N GLU A 13 1.81 1.69 -2.29
CA GLU A 13 0.76 2.00 -1.34
C GLU A 13 1.08 1.47 0.08
N LEU A 14 0.15 1.65 1.01
CA LEU A 14 0.36 1.22 2.40
C LEU A 14 -0.95 1.07 3.20
N CYS A 15 -0.94 0.14 4.15
CA CYS A 15 -2.09 -0.09 5.01
C CYS A 15 -2.24 1.07 6.00
N ARG A 16 -2.94 2.12 5.58
CA ARG A 16 -3.13 3.28 6.41
C ARG A 16 -4.23 3.07 7.47
N THR A 17 -5.43 3.60 7.19
CA THR A 17 -6.55 3.47 8.10
C THR A 17 -7.08 2.04 8.09
N TYR A 18 -6.78 1.36 7.00
CA TYR A 18 -7.18 -0.01 6.77
C TYR A 18 -6.82 -0.92 7.96
N SER A 19 -5.58 -0.84 8.41
CA SER A 19 -5.10 -1.67 9.52
C SER A 19 -5.95 -1.48 10.77
N GLU A 20 -6.54 -0.31 10.90
CA GLU A 20 -7.37 0.01 12.04
C GLU A 20 -8.72 -0.71 11.95
N SER A 21 -9.26 -0.75 10.74
CA SER A 21 -10.55 -1.40 10.46
C SER A 21 -11.17 -0.90 9.15
N GLY A 22 -10.40 -0.15 8.37
CA GLY A 22 -10.91 0.38 7.12
C GLY A 22 -11.47 -0.66 6.18
N ARG A 23 -10.59 -1.21 5.37
CA ARG A 23 -10.98 -2.21 4.37
C ARG A 23 -9.97 -3.35 4.28
N CYS A 24 -8.77 -2.94 3.99
CA CYS A 24 -7.63 -3.84 3.80
C CYS A 24 -7.80 -4.53 2.45
N ARG A 25 -7.47 -3.78 1.40
CA ARG A 25 -7.60 -4.26 0.01
C ARG A 25 -6.96 -5.64 -0.19
N TYR A 26 -6.12 -6.05 0.75
CA TYR A 26 -5.46 -7.35 0.72
C TYR A 26 -5.35 -7.90 2.14
N GLY A 27 -6.47 -7.86 2.86
CA GLY A 27 -6.52 -8.33 4.24
C GLY A 27 -5.69 -9.57 4.47
N ALA A 28 -4.81 -9.49 5.47
CA ALA A 28 -3.91 -10.58 5.84
C ALA A 28 -2.76 -10.75 4.84
N LYS A 29 -2.92 -10.20 3.66
CA LYS A 29 -1.92 -10.28 2.62
C LYS A 29 -1.57 -8.92 2.07
N CYS A 30 -1.90 -7.87 2.82
CA CYS A 30 -1.66 -6.51 2.33
C CYS A 30 -0.27 -6.00 2.61
N GLN A 31 0.45 -5.76 1.53
CA GLN A 31 1.76 -5.19 1.57
C GLN A 31 1.69 -3.79 0.95
N PHE A 32 0.63 -3.56 0.19
CA PHE A 32 0.38 -2.30 -0.47
C PHE A 32 -1.10 -2.20 -0.86
N ALA A 33 -1.40 -1.35 -1.85
CA ALA A 33 -2.79 -1.18 -2.32
C ALA A 33 -3.76 -1.12 -1.14
N HIS A 34 -4.14 0.08 -0.72
CA HIS A 34 -5.02 0.25 0.42
C HIS A 34 -5.57 1.71 0.45
N GLY A 35 -5.72 2.31 1.66
CA GLY A 35 -6.19 3.67 1.77
C GLY A 35 -5.34 4.63 0.99
N LEU A 36 -4.34 5.18 1.67
CA LEU A 36 -3.40 6.09 1.06
C LEU A 36 -2.41 5.26 0.25
N GLY A 37 -1.19 5.76 0.07
CA GLY A 37 -0.22 5.00 -0.67
C GLY A 37 0.59 5.82 -1.64
N GLU A 38 0.32 7.11 -1.70
CA GLU A 38 1.05 7.97 -2.62
C GLU A 38 2.49 8.19 -2.17
N LEU A 39 3.13 7.17 -1.56
CA LEU A 39 4.52 7.27 -1.11
C LEU A 39 5.41 7.84 -2.19
N ARG A 40 5.60 7.05 -3.23
CA ARG A 40 6.44 7.41 -4.37
C ARG A 40 5.76 8.41 -5.31
N GLN A 41 4.77 9.13 -4.81
CA GLN A 41 4.03 10.12 -5.58
C GLN A 41 3.51 11.22 -4.67
N ALA A 42 4.38 12.16 -4.32
CA ALA A 42 4.00 13.28 -3.46
C ALA A 42 2.65 13.88 -3.89
N ASN A 43 1.89 14.36 -2.91
CA ASN A 43 0.60 14.95 -3.19
C ASN A 43 0.74 16.35 -3.76
N MET A 4 20.22 -4.45 -10.37
CA MET A 4 21.03 -5.57 -9.85
C MET A 4 20.77 -5.80 -8.36
N THR A 5 19.55 -5.50 -7.93
CA THR A 5 19.18 -5.66 -6.53
C THR A 5 17.66 -5.75 -6.37
N THR A 6 16.97 -4.64 -6.63
CA THR A 6 15.51 -4.59 -6.51
C THR A 6 14.85 -4.96 -7.84
N SER A 7 14.51 -6.24 -7.99
CA SER A 7 13.86 -6.72 -9.20
C SER A 7 12.34 -6.71 -9.05
N SER A 8 11.67 -5.86 -9.82
CA SER A 8 10.23 -5.75 -9.77
C SER A 8 9.76 -5.37 -8.37
N ARG A 9 9.67 -4.06 -8.12
CA ARG A 9 9.23 -3.57 -6.83
C ARG A 9 7.71 -3.68 -6.70
N TYR A 10 7.26 -3.75 -5.46
CA TYR A 10 5.85 -3.87 -5.17
C TYR A 10 5.09 -2.60 -5.54
N LYS A 11 3.92 -2.43 -4.95
CA LYS A 11 3.08 -1.28 -5.25
C LYS A 11 3.67 -0.01 -4.64
N THR A 12 2.85 1.03 -4.55
CA THR A 12 3.29 2.30 -3.99
C THR A 12 2.33 2.84 -2.93
N GLU A 13 1.68 1.92 -2.21
CA GLU A 13 0.73 2.30 -1.19
C GLU A 13 1.05 1.68 0.18
N LEU A 14 0.10 1.76 1.12
CA LEU A 14 0.29 1.24 2.48
C LEU A 14 -1.03 1.15 3.25
N CYS A 15 -1.04 0.26 4.24
CA CYS A 15 -2.21 0.05 5.07
C CYS A 15 -2.42 1.23 6.01
N ARG A 16 -2.99 2.33 5.48
CA ARG A 16 -3.23 3.53 6.26
C ARG A 16 -4.34 3.34 7.30
N THR A 17 -5.53 3.85 6.99
CA THR A 17 -6.68 3.73 7.88
C THR A 17 -7.19 2.30 7.93
N TYR A 18 -6.83 1.56 6.90
CA TYR A 18 -7.22 0.18 6.73
C TYR A 18 -6.82 -0.68 7.94
N SER A 19 -5.57 -0.50 8.39
CA SER A 19 -5.04 -1.25 9.53
C SER A 19 -5.97 -1.23 10.74
N GLU A 20 -6.96 -0.35 10.72
CA GLU A 20 -7.91 -0.25 11.82
C GLU A 20 -9.16 -1.07 11.51
N SER A 21 -8.95 -2.15 10.78
CA SER A 21 -10.02 -3.07 10.41
C SER A 21 -10.97 -2.45 9.38
N GLY A 22 -10.52 -1.38 8.73
CA GLY A 22 -11.34 -0.72 7.73
C GLY A 22 -11.69 -1.60 6.57
N ARG A 23 -10.87 -1.53 5.54
CA ARG A 23 -11.09 -2.32 4.32
C ARG A 23 -10.05 -3.39 4.15
N CYS A 24 -8.82 -2.94 4.04
CA CYS A 24 -7.68 -3.82 3.82
C CYS A 24 -7.85 -4.52 2.47
N ARG A 25 -7.48 -3.80 1.40
CA ARG A 25 -7.61 -4.30 0.04
C ARG A 25 -6.96 -5.68 -0.13
N TYR A 26 -6.06 -6.02 0.77
CA TYR A 26 -5.36 -7.30 0.78
C TYR A 26 -5.32 -7.81 2.21
N GLY A 27 -6.47 -7.81 2.88
CA GLY A 27 -6.56 -8.25 4.27
C GLY A 27 -5.67 -9.45 4.57
N ALA A 28 -4.74 -9.26 5.51
CA ALA A 28 -3.81 -10.31 5.92
C ALA A 28 -2.68 -10.48 4.90
N LYS A 29 -2.92 -10.03 3.69
CA LYS A 29 -1.97 -10.12 2.61
C LYS A 29 -1.59 -8.73 2.11
N CYS A 30 -1.92 -7.70 2.88
CA CYS A 30 -1.65 -6.34 2.45
C CYS A 30 -0.23 -5.86 2.74
N GLN A 31 0.36 -5.31 1.69
CA GLN A 31 1.70 -4.75 1.75
C GLN A 31 1.71 -3.33 1.22
N PHE A 32 0.66 -2.98 0.47
CA PHE A 32 0.57 -1.64 -0.12
C PHE A 32 -0.87 -1.24 -0.48
N ALA A 33 -1.39 -1.82 -1.56
CA ALA A 33 -2.72 -1.49 -2.07
C ALA A 33 -3.73 -1.36 -0.95
N HIS A 34 -4.09 -0.11 -0.63
CA HIS A 34 -5.06 0.19 0.43
C HIS A 34 -5.55 1.65 0.28
N GLY A 35 -5.58 2.44 1.40
CA GLY A 35 -5.99 3.83 1.34
C GLY A 35 -5.01 4.68 0.59
N LEU A 36 -4.45 5.66 1.29
CA LEU A 36 -3.45 6.54 0.73
C LEU A 36 -2.16 5.77 0.53
N GLY A 37 -1.10 6.48 0.20
CA GLY A 37 0.18 5.85 0.00
C GLY A 37 1.13 6.72 -0.79
N GLU A 38 1.01 6.66 -2.12
CA GLU A 38 1.86 7.46 -3.01
C GLU A 38 3.31 7.55 -2.52
N LEU A 39 3.78 6.53 -1.77
CA LEU A 39 5.16 6.53 -1.26
C LEU A 39 6.15 7.01 -2.30
N ARG A 40 5.90 6.64 -3.54
CA ARG A 40 6.77 6.99 -4.67
C ARG A 40 6.07 7.96 -5.63
N GLN A 41 5.29 8.88 -5.08
CA GLN A 41 4.58 9.86 -5.88
C GLN A 41 4.47 11.20 -5.16
N ALA A 42 3.89 11.17 -3.96
CA ALA A 42 3.71 12.39 -3.17
C ALA A 42 2.84 13.41 -3.90
N ASN A 43 1.84 13.93 -3.20
CA ASN A 43 0.94 14.92 -3.77
C ASN A 43 0.25 15.72 -2.67
N MET A 4 18.93 -3.26 -2.78
CA MET A 4 20.16 -2.74 -3.43
C MET A 4 19.93 -2.44 -4.91
N THR A 5 19.68 -1.18 -5.21
CA THR A 5 19.43 -0.76 -6.60
C THR A 5 18.27 -1.53 -7.19
N THR A 6 17.05 -1.19 -6.76
CA THR A 6 15.85 -1.85 -7.25
C THR A 6 15.54 -1.43 -8.68
N SER A 7 15.01 -2.36 -9.46
CA SER A 7 14.66 -2.08 -10.85
C SER A 7 13.17 -1.78 -11.00
N SER A 8 12.39 -2.17 -10.00
CA SER A 8 10.95 -1.93 -10.01
C SER A 8 10.42 -1.82 -8.59
N ARG A 9 10.82 -2.76 -7.73
CA ARG A 9 10.38 -2.78 -6.34
C ARG A 9 8.90 -3.10 -6.26
N TYR A 10 8.40 -3.25 -5.04
CA TYR A 10 7.01 -3.57 -4.81
C TYR A 10 6.12 -2.38 -5.14
N LYS A 11 4.89 -2.41 -4.66
CA LYS A 11 3.93 -1.36 -4.92
C LYS A 11 4.31 -0.05 -4.24
N THR A 12 3.40 0.91 -4.32
CA THR A 12 3.60 2.23 -3.76
C THR A 12 2.71 2.49 -2.55
N GLU A 13 1.61 1.75 -2.45
CA GLU A 13 0.66 1.95 -1.38
C GLU A 13 1.08 1.32 -0.06
N LEU A 14 0.21 1.45 0.95
CA LEU A 14 0.48 0.94 2.29
C LEU A 14 -0.79 0.94 3.14
N CYS A 15 -0.87 0.00 4.07
CA CYS A 15 -2.02 -0.13 4.95
C CYS A 15 -2.08 1.09 5.89
N ARG A 16 -2.54 2.23 5.36
CA ARG A 16 -2.63 3.46 6.15
C ARG A 16 -3.67 3.36 7.26
N THR A 17 -4.88 3.83 6.99
CA THR A 17 -5.97 3.79 7.97
C THR A 17 -6.60 2.41 8.00
N TYR A 18 -6.42 1.70 6.90
CA TYR A 18 -6.92 0.36 6.69
C TYR A 18 -6.59 -0.55 7.89
N SER A 19 -5.35 -0.46 8.36
CA SER A 19 -4.86 -1.26 9.47
C SER A 19 -5.77 -1.19 10.70
N GLU A 20 -6.73 -0.28 10.70
CA GLU A 20 -7.66 -0.14 11.81
C GLU A 20 -8.92 -0.93 11.55
N SER A 21 -8.74 -2.04 10.86
CA SER A 21 -9.84 -2.93 10.51
C SER A 21 -10.80 -2.25 9.56
N GLY A 22 -10.29 -1.31 8.77
CA GLY A 22 -11.10 -0.57 7.83
C GLY A 22 -11.51 -1.39 6.62
N ARG A 23 -10.77 -1.22 5.55
CA ARG A 23 -11.03 -1.93 4.30
C ARG A 23 -10.06 -3.06 4.08
N CYS A 24 -8.80 -2.67 4.04
CA CYS A 24 -7.72 -3.63 3.78
C CYS A 24 -7.96 -4.31 2.43
N ARG A 25 -7.59 -3.60 1.35
CA ARG A 25 -7.77 -4.10 -0.01
C ARG A 25 -7.20 -5.52 -0.20
N TYR A 26 -6.33 -5.92 0.72
CA TYR A 26 -5.72 -7.25 0.70
C TYR A 26 -5.64 -7.79 2.12
N GLY A 27 -6.73 -7.64 2.88
CA GLY A 27 -6.77 -8.10 4.26
C GLY A 27 -6.03 -9.41 4.49
N ALA A 28 -5.14 -9.41 5.48
CA ALA A 28 -4.35 -10.58 5.84
C ALA A 28 -3.21 -10.82 4.85
N LYS A 29 -3.38 -10.34 3.63
CA LYS A 29 -2.40 -10.49 2.60
C LYS A 29 -1.95 -9.14 2.08
N CYS A 30 -2.24 -8.09 2.83
CA CYS A 30 -1.93 -6.74 2.40
C CYS A 30 -0.53 -6.27 2.75
N GLN A 31 0.27 -6.05 1.72
CA GLN A 31 1.60 -5.50 1.86
C GLN A 31 1.58 -4.09 1.29
N PHE A 32 0.56 -3.82 0.47
CA PHE A 32 0.38 -2.53 -0.17
C PHE A 32 -1.07 -2.39 -0.64
N ALA A 33 -1.31 -1.46 -1.55
CA ALA A 33 -2.64 -1.23 -2.11
C ALA A 33 -3.69 -1.15 -1.02
N HIS A 34 -4.06 0.08 -0.65
CA HIS A 34 -5.08 0.32 0.39
C HIS A 34 -5.58 1.78 0.30
N GLY A 35 -5.24 2.59 1.32
CA GLY A 35 -5.66 3.98 1.36
C GLY A 35 -4.89 4.84 0.37
N LEU A 36 -4.31 5.93 0.86
CA LEU A 36 -3.53 6.83 0.04
C LEU A 36 -2.34 6.10 -0.56
N GLY A 37 -1.34 5.82 0.26
CA GLY A 37 -0.16 5.10 -0.21
C GLY A 37 0.49 5.72 -1.42
N GLU A 38 0.18 6.97 -1.67
CA GLU A 38 0.76 7.67 -2.80
C GLU A 38 2.02 8.41 -2.38
N LEU A 39 2.86 7.75 -1.58
CA LEU A 39 4.10 8.34 -1.11
C LEU A 39 5.22 8.19 -2.12
N ARG A 40 5.07 7.23 -3.01
CA ARG A 40 6.06 6.97 -4.05
C ARG A 40 5.43 7.14 -5.44
N GLN A 41 4.54 8.12 -5.53
CA GLN A 41 3.86 8.41 -6.79
C GLN A 41 3.53 9.90 -6.92
N ALA A 42 3.44 10.59 -5.79
CA ALA A 42 3.14 12.02 -5.80
C ALA A 42 1.72 12.28 -6.26
N ASN A 43 0.95 13.00 -5.44
CA ASN A 43 -0.43 13.32 -5.76
C ASN A 43 -0.51 14.34 -6.89
N MET A 4 18.33 5.59 -5.52
CA MET A 4 18.78 4.30 -6.08
C MET A 4 17.70 3.68 -6.96
N THR A 5 18.12 2.80 -7.88
CA THR A 5 17.20 2.14 -8.78
C THR A 5 16.28 1.19 -8.01
N THR A 6 15.17 0.81 -8.63
CA THR A 6 14.21 -0.09 -8.00
C THR A 6 14.28 -1.49 -8.61
N SER A 7 14.66 -1.56 -9.88
CA SER A 7 14.77 -2.82 -10.59
C SER A 7 13.38 -3.43 -10.83
N SER A 8 12.69 -3.77 -9.75
CA SER A 8 11.37 -4.35 -9.83
C SER A 8 10.72 -4.39 -8.45
N ARG A 9 10.86 -3.29 -7.70
CA ARG A 9 10.30 -3.19 -6.36
C ARG A 9 8.80 -3.45 -6.38
N TYR A 10 8.20 -3.44 -5.19
CA TYR A 10 6.78 -3.67 -5.05
C TYR A 10 6.00 -2.39 -5.37
N LYS A 11 4.75 -2.36 -4.95
CA LYS A 11 3.87 -1.23 -5.20
C LYS A 11 4.31 0.01 -4.42
N THR A 12 3.44 1.01 -4.41
CA THR A 12 3.72 2.27 -3.73
C THR A 12 2.73 2.58 -2.61
N GLU A 13 1.67 1.79 -2.50
CA GLU A 13 0.66 2.02 -1.50
C GLU A 13 1.04 1.45 -0.14
N LEU A 14 0.13 1.52 0.83
CA LEU A 14 0.38 1.04 2.19
C LEU A 14 -0.90 0.96 3.01
N CYS A 15 -0.89 0.08 4.01
CA CYS A 15 -2.04 -0.10 4.90
C CYS A 15 -2.15 1.12 5.83
N ARG A 16 -2.79 2.19 5.36
CA ARG A 16 -2.93 3.41 6.14
C ARG A 16 -3.99 3.27 7.23
N THR A 17 -5.17 3.82 6.98
CA THR A 17 -6.28 3.76 7.92
C THR A 17 -6.82 2.33 7.98
N TYR A 18 -6.51 1.58 6.94
CA TYR A 18 -6.92 0.22 6.78
C TYR A 18 -6.46 -0.64 7.96
N SER A 19 -5.19 -0.50 8.33
CA SER A 19 -4.60 -1.27 9.43
C SER A 19 -5.49 -1.30 10.66
N GLU A 20 -6.30 -0.26 10.82
CA GLU A 20 -7.21 -0.17 11.95
C GLU A 20 -8.40 -1.08 11.78
N SER A 21 -8.80 -1.26 10.52
CA SER A 21 -9.96 -2.12 10.15
C SER A 21 -10.80 -1.44 9.05
N GLY A 22 -10.36 -0.28 8.58
CA GLY A 22 -11.09 0.45 7.57
C GLY A 22 -11.54 -0.39 6.38
N ARG A 23 -10.70 -1.31 5.97
CA ARG A 23 -11.02 -2.17 4.82
C ARG A 23 -10.00 -3.28 4.63
N CYS A 24 -8.79 -2.86 4.37
CA CYS A 24 -7.69 -3.78 4.11
C CYS A 24 -7.95 -4.51 2.80
N ARG A 25 -7.66 -3.85 1.68
CA ARG A 25 -7.87 -4.42 0.34
C ARG A 25 -7.27 -5.82 0.22
N TYR A 26 -6.33 -6.12 1.10
CA TYR A 26 -5.67 -7.41 1.15
C TYR A 26 -5.48 -7.75 2.64
N GLY A 27 -6.58 -7.74 3.37
CA GLY A 27 -6.54 -7.98 4.81
C GLY A 27 -5.53 -9.03 5.28
N ALA A 28 -5.31 -10.07 4.50
CA ALA A 28 -4.36 -11.10 4.89
C ALA A 28 -3.08 -11.05 4.05
N LYS A 29 -3.16 -10.39 2.92
CA LYS A 29 -2.06 -10.29 2.00
C LYS A 29 -1.75 -8.83 1.66
N CYS A 30 -2.05 -7.93 2.57
CA CYS A 30 -1.82 -6.51 2.29
C CYS A 30 -0.43 -6.03 2.61
N GLN A 31 0.26 -5.61 1.58
CA GLN A 31 1.59 -5.08 1.69
C GLN A 31 1.63 -3.65 1.15
N PHE A 32 0.57 -3.26 0.45
CA PHE A 32 0.49 -1.92 -0.12
C PHE A 32 -0.95 -1.49 -0.42
N ALA A 33 -1.46 -1.86 -1.60
CA ALA A 33 -2.81 -1.47 -2.05
C ALA A 33 -3.83 -1.41 -0.92
N HIS A 34 -4.26 -0.19 -0.60
CA HIS A 34 -5.27 0.06 0.44
C HIS A 34 -5.85 1.49 0.29
N GLY A 35 -5.55 2.37 1.27
CA GLY A 35 -6.06 3.72 1.25
C GLY A 35 -5.64 4.49 0.02
N LEU A 36 -4.61 5.31 0.16
CA LEU A 36 -4.09 6.11 -0.93
C LEU A 36 -2.67 5.68 -1.24
N GLY A 37 -1.90 5.46 -0.19
CA GLY A 37 -0.52 5.03 -0.31
C GLY A 37 0.22 5.68 -1.46
N GLU A 38 0.50 6.95 -1.29
CA GLU A 38 1.22 7.71 -2.31
C GLU A 38 2.53 8.24 -1.74
N LEU A 39 3.21 7.40 -0.97
CA LEU A 39 4.48 7.78 -0.36
C LEU A 39 5.58 7.85 -1.41
N ARG A 40 5.44 7.01 -2.42
CA ARG A 40 6.40 6.94 -3.51
C ARG A 40 5.72 7.25 -4.84
N GLN A 41 4.91 8.31 -4.84
CA GLN A 41 4.19 8.72 -6.02
C GLN A 41 4.01 10.25 -6.09
N ALA A 42 4.19 10.92 -4.96
CA ALA A 42 4.04 12.37 -4.90
C ALA A 42 2.59 12.79 -5.15
N ASN A 43 2.28 14.04 -4.85
CA ASN A 43 0.93 14.56 -5.03
C ASN A 43 0.56 14.59 -6.51
#